data_3PVD
#
_entry.id   3PVD
#
_cell.length_a   67.301
_cell.length_b   96.000
_cell.length_c   101.631
_cell.angle_alpha   90.000
_cell.angle_beta   90.000
_cell.angle_gamma   90.000
#
_symmetry.space_group_name_H-M   'P 21 21 21'
#
loop_
_entity.id
_entity.type
_entity.pdbx_description
1 polymer Capsid
2 branched 'N-acetyl-alpha-neuraminic acid-(2-3)-beta-D-galactopyranose-(1-4)-[alpha-L-fucopyranose-(1-3)]2-acetamido-2-deoxy-alpha-D-glucopyranose'
3 water water
#
_entity_poly.entity_id   1
_entity_poly.type   'polypeptide(L)'
_entity_poly.pdbx_seq_one_letter_code
;SKTKAFTIPVLKISEMTNSRFPVPVDQMYTSRSEGIVVQPQNGRATIDGELLGTTLVSPVSVCNFKGNLQAEVPGQHQLY
QLQLTNLDGSPIDPTDDTPGPLGCPDFTGLLYGVASQRGPGDATRAHEARIDTGSDTFAPKIGQVRFYSTSSDFETNQPT
HFTPIGIYIEGNSSDFNQWQLPRYGGHLANNNHLAPAVSPLFPGEQILFFRSFIPGASGHTNGEMDCLLPQEFVQHFYQE
AATARSEVALLRFVNPDTGRALFESKLHKQGFMTIASSGDHPIIMPTNGYFRFEAWVNQFYSLAPVGTGSGRRRIQ
;
_entity_poly.pdbx_strand_id   A,B
#
loop_
_chem_comp.id
_chem_comp.type
_chem_comp.name
_chem_comp.formula
FUC L-saccharide, alpha linking alpha-L-fucopyranose 'C6 H12 O5'
GAL D-saccharide, beta linking beta-D-galactopyranose 'C6 H12 O6'
NDG D-saccharide, alpha linking 2-acetamido-2-deoxy-alpha-D-glucopyranose 'C8 H15 N O6'
SIA D-saccharide, alpha linking 'N-acetyl-alpha-neuraminic acid' 'C11 H19 N O9'
#
# COMPACT_ATOMS: atom_id res chain seq x y z
N ALA A 5 11.87 -12.43 -22.57
CA ALA A 5 10.65 -13.22 -22.54
C ALA A 5 9.65 -12.65 -21.54
N PHE A 6 8.37 -12.81 -21.84
CA PHE A 6 7.27 -12.18 -21.12
C PHE A 6 6.75 -13.07 -19.99
N THR A 7 6.57 -12.49 -18.81
CA THR A 7 6.12 -13.25 -17.66
C THR A 7 5.06 -12.49 -16.85
N ILE A 8 4.32 -13.24 -16.05
CA ILE A 8 3.36 -12.71 -15.07
C ILE A 8 3.87 -13.12 -13.69
N PRO A 9 3.82 -12.20 -12.71
CA PRO A 9 4.22 -12.60 -11.35
C PRO A 9 3.30 -13.71 -10.85
N VAL A 10 3.84 -14.66 -10.08
CA VAL A 10 3.04 -15.71 -9.46
C VAL A 10 2.35 -15.16 -8.21
N LEU A 11 1.04 -14.95 -8.29
CA LEU A 11 0.31 -14.33 -7.19
C LEU A 11 -1.07 -14.93 -7.05
N LYS A 12 -1.44 -15.23 -5.80
CA LYS A 12 -2.80 -15.62 -5.50
C LYS A 12 -3.67 -14.36 -5.54
N ILE A 13 -4.94 -14.52 -5.84
CA ILE A 13 -5.86 -13.39 -5.82
C ILE A 13 -5.69 -12.66 -4.49
N SER A 14 -5.53 -13.42 -3.41
CA SER A 14 -5.48 -12.86 -2.06
C SER A 14 -4.19 -12.08 -1.76
N GLU A 15 -3.21 -12.19 -2.64
CA GLU A 15 -1.95 -11.46 -2.51
C GLU A 15 -1.89 -10.22 -3.39
N MET A 16 -2.91 -10.02 -4.21
CA MET A 16 -2.96 -8.89 -5.15
C MET A 16 -3.47 -7.61 -4.49
N THR A 17 -2.97 -6.48 -4.98
CA THR A 17 -3.38 -5.17 -4.50
C THR A 17 -4.22 -4.47 -5.55
N ASN A 18 -5.31 -3.84 -5.12
CA ASN A 18 -6.12 -3.05 -6.04
C ASN A 18 -5.29 -1.86 -6.52
N SER A 19 -5.36 -1.58 -7.81
CA SER A 19 -4.60 -0.48 -8.41
C SER A 19 -5.35 0.85 -8.41
N ARG A 20 -6.63 0.84 -7.96
CA ARG A 20 -7.46 2.05 -7.94
C ARG A 20 -7.79 2.52 -6.51
N PHE A 21 -7.43 1.70 -5.53
CA PHE A 21 -7.60 2.05 -4.11
C PHE A 21 -6.63 1.19 -3.30
N PRO A 22 -5.94 1.79 -2.30
CA PRO A 22 -4.81 1.05 -1.68
C PRO A 22 -5.25 -0.03 -0.66
N VAL A 23 -5.88 -1.08 -1.15
CA VAL A 23 -6.36 -2.19 -0.33
C VAL A 23 -6.20 -3.47 -1.13
N PRO A 24 -6.22 -4.63 -0.46
CA PRO A 24 -6.08 -5.90 -1.20
C PRO A 24 -7.25 -6.15 -2.15
N VAL A 25 -6.99 -6.90 -3.21
CA VAL A 25 -8.05 -7.41 -4.07
C VAL A 25 -8.83 -8.46 -3.28
N ASP A 26 -10.15 -8.44 -3.39
CA ASP A 26 -10.98 -9.41 -2.69
C ASP A 26 -11.39 -10.61 -3.57
N GLN A 27 -11.68 -10.36 -4.84
CA GLN A 27 -12.14 -11.41 -5.74
C GLN A 27 -11.97 -10.98 -7.20
N MET A 28 -11.88 -11.95 -8.10
CA MET A 28 -12.05 -11.66 -9.52
C MET A 28 -13.54 -11.53 -9.77
N TYR A 29 -13.91 -10.70 -10.75
CA TYR A 29 -15.30 -10.39 -11.01
C TYR A 29 -15.46 -10.09 -12.49
N THR A 30 -16.61 -10.46 -13.07
CA THR A 30 -16.85 -10.08 -14.46
C THR A 30 -18.23 -9.47 -14.64
N SER A 31 -18.37 -8.63 -15.66
CA SER A 31 -19.61 -7.89 -15.83
C SER A 31 -19.90 -7.65 -17.30
N ARG A 32 -21.19 -7.54 -17.63
CA ARG A 32 -21.62 -7.11 -18.95
C ARG A 32 -21.33 -5.62 -19.13
N SER A 33 -21.20 -4.90 -18.02
CA SER A 33 -20.99 -3.46 -18.06
C SER A 33 -22.07 -2.79 -18.90
N GLU A 34 -23.31 -3.25 -18.72
CA GLU A 34 -24.43 -2.67 -19.44
C GLU A 34 -24.55 -1.21 -19.03
N GLY A 35 -24.58 -0.33 -20.01
CA GLY A 35 -24.86 1.07 -19.76
C GLY A 35 -23.77 1.85 -19.07
N ILE A 36 -22.54 1.35 -19.15
CA ILE A 36 -21.44 2.09 -18.53
C ILE A 36 -20.20 2.13 -19.41
N VAL A 37 -19.43 3.20 -19.26
CA VAL A 37 -18.16 3.32 -19.96
C VAL A 37 -17.05 3.00 -18.96
N VAL A 38 -16.25 1.99 -19.27
CA VAL A 38 -15.15 1.57 -18.39
C VAL A 38 -13.89 2.32 -18.79
N GLN A 39 -13.53 3.36 -18.04
CA GLN A 39 -12.40 4.19 -18.43
C GLN A 39 -11.58 4.65 -17.21
N PRO A 40 -11.18 3.70 -16.35
CA PRO A 40 -10.42 4.08 -15.15
C PRO A 40 -9.09 4.69 -15.58
N GLN A 41 -8.53 5.55 -14.73
CA GLN A 41 -7.29 6.22 -15.04
C GLN A 41 -6.13 5.68 -14.18
N ASN A 42 -6.48 5.04 -13.07
CA ASN A 42 -5.49 4.35 -12.26
C ASN A 42 -5.52 2.88 -12.61
N GLY A 43 -4.39 2.20 -12.40
CA GLY A 43 -4.25 0.80 -12.79
C GLY A 43 -4.21 0.65 -14.30
N ARG A 44 -3.62 1.62 -14.98
CA ARG A 44 -3.49 1.59 -16.43
C ARG A 44 -2.03 1.47 -16.87
N ALA A 45 -1.70 0.35 -17.47
CA ALA A 45 -0.34 0.11 -17.98
C ALA A 45 -0.42 -0.85 -19.15
N THR A 46 0.34 -0.57 -20.20
CA THR A 46 0.44 -1.52 -21.31
C THR A 46 1.34 -2.66 -20.84
N ILE A 47 1.18 -3.84 -21.45
CA ILE A 47 1.93 -4.99 -20.98
C ILE A 47 3.42 -4.87 -21.32
N ASP A 48 3.77 -3.89 -22.16
CA ASP A 48 5.18 -3.56 -22.35
C ASP A 48 5.68 -2.43 -21.44
N GLY A 49 4.89 -2.06 -20.44
CA GLY A 49 5.40 -1.23 -19.37
C GLY A 49 5.17 0.26 -19.42
N GLU A 50 4.33 0.73 -20.34
CA GLU A 50 4.03 2.15 -20.40
C GLU A 50 2.86 2.50 -19.49
N LEU A 51 3.09 3.38 -18.50
CA LEU A 51 2.02 3.79 -17.60
C LEU A 51 1.10 4.83 -18.27
N LEU A 52 -0.22 4.64 -18.14
CA LEU A 52 -1.19 5.55 -18.75
C LEU A 52 -2.02 6.27 -17.68
N GLY A 53 -2.86 7.22 -18.08
CA GLY A 53 -3.74 7.91 -17.16
C GLY A 53 -2.99 8.62 -16.04
N THR A 54 -3.44 8.40 -14.81
CA THR A 54 -2.78 8.96 -13.62
C THR A 54 -2.03 7.85 -12.86
N THR A 55 -1.69 6.79 -13.57
CA THR A 55 -1.14 5.61 -12.89
C THR A 55 0.29 5.80 -12.42
N LEU A 56 0.53 5.51 -11.15
CA LEU A 56 1.89 5.46 -10.64
C LEU A 56 2.25 4.04 -10.19
N VAL A 57 3.51 3.80 -9.86
CA VAL A 57 3.93 2.45 -9.50
C VAL A 57 3.77 2.15 -8.01
N SER A 58 3.95 3.15 -7.15
CA SER A 58 3.70 2.99 -5.71
C SER A 58 2.32 2.40 -5.45
N PRO A 59 2.25 1.29 -4.68
CA PRO A 59 1.00 0.59 -4.36
C PRO A 59 0.25 1.18 -3.15
N VAL A 60 0.88 2.13 -2.46
CA VAL A 60 0.26 2.76 -1.29
C VAL A 60 -0.15 4.23 -1.51
N SER A 61 -0.08 4.70 -2.76
CA SER A 61 -0.24 6.14 -3.04
C SER A 61 -1.53 6.54 -3.72
N VAL A 62 -2.18 5.62 -4.42
CA VAL A 62 -3.39 5.96 -5.14
C VAL A 62 -4.47 6.50 -4.16
N CYS A 63 -5.17 7.55 -4.58
CA CYS A 63 -6.18 8.26 -3.78
C CYS A 63 -5.61 9.02 -2.57
N ASN A 64 -4.30 9.15 -2.48
CA ASN A 64 -3.70 10.04 -1.48
C ASN A 64 -3.55 11.45 -2.05
N PHE A 65 -3.52 12.45 -1.17
CA PHE A 65 -3.18 13.83 -1.55
C PHE A 65 -2.15 14.42 -0.58
N LYS A 66 -1.34 15.35 -1.07
CA LYS A 66 -0.39 16.12 -0.25
C LYS A 66 -0.42 17.58 -0.70
N GLY A 67 -0.20 18.51 0.22
CA GLY A 67 -0.07 19.90 -0.18
C GLY A 67 -0.03 20.86 0.99
N ASN A 68 0.02 22.14 0.68
CA ASN A 68 -0.04 23.15 1.74
C ASN A 68 -1.50 23.38 2.14
N LEU A 69 -1.77 23.49 3.45
CA LEU A 69 -3.09 23.95 3.88
C LEU A 69 -3.12 25.47 3.74
N GLN A 70 -3.69 25.93 2.62
CA GLN A 70 -3.65 27.34 2.29
C GLN A 70 -4.57 28.20 3.17
N ALA A 71 -5.80 27.72 3.37
CA ALA A 71 -6.77 28.51 4.11
C ALA A 71 -8.05 27.74 4.41
N GLU A 72 -8.73 28.15 5.46
CA GLU A 72 -10.12 27.75 5.64
C GLU A 72 -10.88 28.60 4.65
N VAL A 73 -11.72 27.97 3.83
CA VAL A 73 -12.43 28.71 2.79
C VAL A 73 -13.50 29.63 3.39
N PRO A 74 -13.49 30.91 2.98
CA PRO A 74 -14.39 31.97 3.44
C PRO A 74 -15.88 31.62 3.21
N GLY A 75 -16.67 31.69 4.28
CA GLY A 75 -18.09 31.43 4.20
C GLY A 75 -18.47 29.97 4.33
N GLN A 76 -17.46 29.10 4.50
CA GLN A 76 -17.70 27.66 4.60
C GLN A 76 -17.02 27.05 5.81
N HIS A 77 -17.81 26.65 6.79
CA HIS A 77 -17.27 26.23 8.07
C HIS A 77 -16.46 24.93 7.95
N GLN A 78 -15.20 24.99 8.38
CA GLN A 78 -14.33 23.81 8.43
C GLN A 78 -14.18 23.07 7.11
N LEU A 79 -14.24 23.84 6.02
CA LEU A 79 -13.84 23.40 4.70
C LEU A 79 -12.48 24.04 4.44
N TYR A 80 -11.48 23.22 4.11
CA TYR A 80 -10.12 23.72 3.98
C TYR A 80 -9.58 23.58 2.57
N GLN A 81 -8.86 24.61 2.13
CA GLN A 81 -8.30 24.63 0.79
C GLN A 81 -6.86 24.13 0.77
N LEU A 82 -6.63 23.06 0.00
CA LEU A 82 -5.27 22.57 -0.25
C LEU A 82 -4.72 23.22 -1.53
N GLN A 83 -3.42 23.48 -1.52
CA GLN A 83 -2.67 23.68 -2.75
C GLN A 83 -1.74 22.46 -2.87
N LEU A 84 -2.05 21.60 -3.82
CA LEU A 84 -1.38 20.30 -3.90
C LEU A 84 0.05 20.41 -4.35
N THR A 85 0.87 19.47 -3.91
CA THR A 85 2.10 19.13 -4.62
C THR A 85 1.84 17.74 -5.18
N ASN A 86 2.72 17.23 -6.03
CA ASN A 86 2.65 15.83 -6.40
C ASN A 86 2.96 14.99 -5.19
N LEU A 87 2.56 13.72 -5.21
CA LEU A 87 2.73 12.88 -4.02
C LEU A 87 4.22 12.63 -3.73
N ASP A 88 5.06 12.80 -4.73
CA ASP A 88 6.49 12.60 -4.52
C ASP A 88 7.15 13.89 -4.01
N GLY A 89 6.34 14.92 -3.81
CA GLY A 89 6.83 16.18 -3.29
C GLY A 89 7.09 17.22 -4.36
N SER A 90 7.22 16.80 -5.62
CA SER A 90 7.48 17.75 -6.69
C SER A 90 6.28 18.66 -6.90
N PRO A 91 6.51 19.85 -7.48
CA PRO A 91 5.40 20.78 -7.67
C PRO A 91 4.40 20.21 -8.68
N ILE A 92 3.14 20.59 -8.53
CA ILE A 92 2.13 20.27 -9.53
C ILE A 92 2.50 21.01 -10.78
N ASP A 93 2.40 20.34 -11.93
CA ASP A 93 2.66 20.96 -13.21
C ASP A 93 1.56 20.64 -14.21
N PRO A 94 0.58 21.54 -14.34
CA PRO A 94 -0.61 21.40 -15.18
C PRO A 94 -0.29 21.22 -16.66
N THR A 95 0.96 21.38 -17.08
CA THR A 95 1.31 21.15 -18.48
C THR A 95 1.63 19.67 -18.73
N ASP A 96 1.73 18.88 -17.66
CA ASP A 96 1.97 17.45 -17.80
C ASP A 96 0.94 16.80 -18.71
N ASP A 97 1.36 15.81 -19.48
CA ASP A 97 0.44 15.07 -20.36
C ASP A 97 -0.35 13.99 -19.62
N THR A 98 -1.00 14.38 -18.53
CA THR A 98 -1.83 13.48 -17.75
C THR A 98 -3.16 14.19 -17.46
N PRO A 99 -4.22 13.43 -17.16
CA PRO A 99 -5.50 14.06 -16.83
C PRO A 99 -5.44 14.88 -15.54
N GLY A 100 -4.59 14.45 -14.61
CA GLY A 100 -4.43 15.09 -13.31
C GLY A 100 -3.19 14.49 -12.68
N PRO A 101 -2.90 14.85 -11.42
CA PRO A 101 -1.68 14.38 -10.76
C PRO A 101 -1.75 12.85 -10.54
N LEU A 102 -0.61 12.18 -10.70
CA LEU A 102 -0.54 10.73 -10.51
C LEU A 102 -1.17 10.29 -9.18
N GLY A 103 -1.94 9.21 -9.22
CA GLY A 103 -2.59 8.69 -8.02
C GLY A 103 -3.92 9.35 -7.70
N CYS A 104 -4.29 10.38 -8.46
CA CYS A 104 -5.54 11.08 -8.23
C CYS A 104 -6.74 10.14 -8.36
N PRO A 105 -7.73 10.25 -7.46
CA PRO A 105 -8.91 9.38 -7.60
C PRO A 105 -9.45 9.48 -9.03
N ASP A 106 -9.90 8.36 -9.58
CA ASP A 106 -10.53 8.38 -10.90
C ASP A 106 -12.03 8.10 -10.86
N PHE A 107 -12.68 8.43 -9.75
CA PHE A 107 -14.13 8.23 -9.62
C PHE A 107 -14.77 9.44 -8.94
N THR A 108 -16.10 9.53 -9.03
CA THR A 108 -16.82 10.57 -8.31
C THR A 108 -17.50 10.00 -7.07
N GLY A 109 -17.40 10.71 -5.94
CA GLY A 109 -17.96 10.23 -4.70
C GLY A 109 -17.44 11.04 -3.53
N LEU A 110 -17.92 10.72 -2.33
CA LEU A 110 -17.42 11.38 -1.13
C LEU A 110 -16.29 10.55 -0.56
N LEU A 111 -15.06 10.90 -0.94
CA LEU A 111 -13.89 10.16 -0.48
C LEU A 111 -13.58 10.45 1.00
N TYR A 112 -13.63 9.40 1.83
CA TYR A 112 -13.42 9.56 3.26
C TYR A 112 -12.02 9.11 3.66
N GLY A 113 -11.37 9.88 4.52
CA GLY A 113 -10.03 9.53 4.96
C GLY A 113 -9.64 10.36 6.16
N VAL A 114 -8.34 10.57 6.32
CA VAL A 114 -7.85 11.36 7.44
C VAL A 114 -6.87 12.39 6.91
N ALA A 115 -7.10 13.66 7.24
CA ALA A 115 -6.13 14.73 6.97
C ALA A 115 -5.16 14.89 8.15
N SER A 116 -3.87 14.84 7.86
CA SER A 116 -2.87 14.91 8.92
C SER A 116 -1.86 16.00 8.64
N GLN A 117 -1.27 16.52 9.70
CA GLN A 117 -0.26 17.57 9.55
C GLN A 117 0.91 17.35 10.50
N ARG A 118 2.08 17.75 10.03
CA ARG A 118 3.29 17.85 10.84
C ARG A 118 3.81 19.28 10.69
N GLY A 119 3.88 20.01 11.80
CA GLY A 119 4.31 21.41 11.79
C GLY A 119 3.40 22.25 12.67
N PRO A 120 3.92 23.35 13.26
CA PRO A 120 5.31 23.79 13.21
C PRO A 120 6.20 22.83 13.96
N GLY A 121 7.46 22.71 13.54
CA GLY A 121 8.37 21.81 14.22
C GLY A 121 7.84 20.39 14.10
N ASP A 122 7.90 19.62 15.17
CA ASP A 122 7.43 18.23 15.13
C ASP A 122 6.04 18.03 15.76
N ALA A 123 5.29 19.12 15.88
CA ALA A 123 3.92 19.04 16.37
C ALA A 123 3.01 18.46 15.31
N THR A 124 2.14 17.54 15.71
CA THR A 124 1.30 16.85 14.74
C THR A 124 -0.16 16.86 15.15
N ARG A 125 -1.04 16.65 14.16
CA ARG A 125 -2.47 16.52 14.42
C ARG A 125 -3.11 15.82 13.21
N ALA A 126 -4.19 15.08 13.45
CA ALA A 126 -4.89 14.37 12.39
C ALA A 126 -6.35 14.20 12.77
N HIS A 127 -7.24 14.38 11.79
CA HIS A 127 -8.68 14.23 12.00
C HIS A 127 -9.36 13.68 10.75
N GLU A 128 -10.55 13.12 10.93
CA GLU A 128 -11.29 12.59 9.79
C GLU A 128 -11.61 13.72 8.83
N ALA A 129 -11.67 13.39 7.55
CA ALA A 129 -11.87 14.38 6.51
C ALA A 129 -12.53 13.74 5.29
N ARG A 130 -13.17 14.59 4.49
CA ARG A 130 -13.94 14.13 3.34
C ARG A 130 -13.65 15.02 2.17
N ILE A 131 -13.43 14.39 1.01
CA ILE A 131 -13.16 15.11 -0.22
C ILE A 131 -14.18 14.65 -1.25
N ASP A 132 -14.98 15.61 -1.72
CA ASP A 132 -16.03 15.30 -2.70
C ASP A 132 -15.44 15.43 -4.08
N THR A 133 -15.08 14.30 -4.68
CA THR A 133 -14.40 14.33 -5.96
C THR A 133 -15.36 14.70 -7.09
N GLY A 134 -16.64 14.87 -6.75
CA GLY A 134 -17.65 15.24 -7.74
C GLY A 134 -18.00 16.73 -7.68
N SER A 135 -17.43 17.45 -6.71
CA SER A 135 -17.79 18.87 -6.57
C SER A 135 -17.17 19.77 -7.62
N ASP A 136 -17.86 20.85 -7.95
CA ASP A 136 -17.41 21.81 -8.97
C ASP A 136 -15.95 22.29 -8.77
N THR A 137 -15.55 22.53 -7.53
CA THR A 137 -14.24 23.11 -7.26
C THR A 137 -13.10 22.06 -7.13
N PHE A 138 -13.45 20.78 -7.20
CA PHE A 138 -12.43 19.71 -7.22
C PHE A 138 -11.62 19.80 -8.53
N ALA A 139 -10.42 20.36 -8.44
CA ALA A 139 -9.58 20.61 -9.59
C ALA A 139 -8.12 20.22 -9.33
N PRO A 140 -7.89 18.94 -9.10
CA PRO A 140 -6.57 18.43 -8.81
C PRO A 140 -5.57 18.69 -9.91
N LYS A 141 -5.99 18.71 -11.16
CA LYS A 141 -5.09 18.99 -12.25
C LYS A 141 -4.27 20.24 -12.03
N ILE A 142 -4.87 21.24 -11.44
CA ILE A 142 -4.21 22.49 -11.14
C ILE A 142 -3.96 22.67 -9.66
N GLY A 143 -4.00 21.58 -8.91
CA GLY A 143 -3.59 21.59 -7.50
C GLY A 143 -4.64 22.12 -6.55
N GLN A 144 -5.88 22.24 -7.01
CA GLN A 144 -6.94 22.81 -6.18
C GLN A 144 -7.92 21.75 -5.68
N VAL A 145 -7.81 21.43 -4.39
CA VAL A 145 -8.70 20.46 -3.75
C VAL A 145 -9.08 20.91 -2.34
N ARG A 146 -10.37 20.82 -2.01
CA ARG A 146 -10.79 21.11 -0.64
C ARG A 146 -11.17 19.84 0.13
N PHE A 147 -10.92 19.87 1.43
CA PHE A 147 -11.46 18.84 2.30
C PHE A 147 -12.30 19.39 3.44
N TYR A 148 -13.36 18.66 3.78
CA TYR A 148 -14.17 19.00 4.93
C TYR A 148 -13.71 18.17 6.13
N SER A 149 -13.64 18.79 7.29
CA SER A 149 -13.45 18.05 8.54
C SER A 149 -14.39 18.55 9.63
N THR A 150 -14.79 17.64 10.51
CA THR A 150 -15.54 18.00 11.71
C THR A 150 -14.65 18.69 12.75
N SER A 151 -13.33 18.58 12.58
CA SER A 151 -12.40 19.25 13.48
C SER A 151 -11.98 20.60 12.92
N SER A 152 -11.68 21.54 13.82
CA SER A 152 -11.14 22.84 13.42
C SER A 152 -9.67 22.88 13.77
N ASP A 153 -9.16 21.76 14.29
CA ASP A 153 -7.78 21.64 14.75
C ASP A 153 -6.83 21.38 13.58
N PHE A 154 -6.73 22.36 12.69
CA PHE A 154 -5.79 22.36 11.57
C PHE A 154 -5.07 23.71 11.50
N GLU A 155 -3.76 23.68 11.22
CA GLU A 155 -2.98 24.89 11.07
C GLU A 155 -2.86 25.27 9.62
N THR A 156 -2.97 26.56 9.34
CA THR A 156 -2.75 27.04 7.99
C THR A 156 -1.25 27.06 7.76
N ASN A 157 -0.87 26.88 6.50
CA ASN A 157 0.52 26.89 6.10
C ASN A 157 1.39 25.83 6.77
N GLN A 158 0.81 24.65 6.99
CA GLN A 158 1.58 23.49 7.39
C GLN A 158 1.35 22.36 6.38
N PRO A 159 2.37 21.54 6.16
CA PRO A 159 2.26 20.43 5.21
C PRO A 159 1.14 19.49 5.67
N THR A 160 0.26 19.13 4.73
CA THR A 160 -0.94 18.38 5.06
C THR A 160 -1.04 17.16 4.15
N HIS A 161 -1.49 16.05 4.71
CA HIS A 161 -1.58 14.82 3.92
C HIS A 161 -2.96 14.25 4.08
N PHE A 162 -3.58 13.85 2.98
CA PHE A 162 -4.84 13.13 3.03
C PHE A 162 -4.63 11.64 2.75
N THR A 163 -4.91 10.81 3.76
CA THR A 163 -4.76 9.35 3.64
C THR A 163 -6.17 8.80 3.43
N PRO A 164 -6.41 8.11 2.30
CA PRO A 164 -7.77 7.64 2.02
C PRO A 164 -8.11 6.43 2.85
N ILE A 165 -9.38 6.26 3.16
CA ILE A 165 -9.79 5.12 3.96
C ILE A 165 -10.97 4.41 3.29
N GLY A 166 -11.95 5.16 2.82
CA GLY A 166 -13.11 4.57 2.20
C GLY A 166 -14.05 5.58 1.61
N ILE A 167 -15.31 5.21 1.54
CA ILE A 167 -16.28 6.02 0.85
C ILE A 167 -17.43 6.37 1.82
N TYR A 168 -17.96 7.58 1.73
CA TYR A 168 -19.03 8.04 2.62
C TYR A 168 -20.29 8.23 1.77
N ILE A 169 -21.36 7.52 2.11
CA ILE A 169 -22.57 7.57 1.29
C ILE A 169 -23.62 8.42 2.00
N GLU A 170 -24.10 9.46 1.33
CA GLU A 170 -25.17 10.32 1.87
C GLU A 170 -26.53 10.03 1.23
N SER A 174 -23.32 13.39 -3.23
CA SER A 174 -22.52 12.86 -4.33
C SER A 174 -22.27 11.36 -4.14
N ASP A 175 -23.20 10.50 -4.57
CA ASP A 175 -23.05 9.06 -4.30
C ASP A 175 -21.93 8.41 -5.13
N PHE A 176 -21.13 7.58 -4.48
CA PHE A 176 -20.04 6.84 -5.12
C PHE A 176 -20.40 6.26 -6.50
N ASN A 177 -19.76 6.77 -7.55
CA ASN A 177 -19.87 6.16 -8.87
C ASN A 177 -18.48 5.81 -9.45
N GLN A 178 -18.09 4.55 -9.31
CA GLN A 178 -16.74 4.12 -9.68
C GLN A 178 -16.40 4.29 -11.16
N TRP A 179 -17.40 4.40 -12.02
CA TRP A 179 -17.13 4.57 -13.44
C TRP A 179 -17.28 6.02 -13.94
N GLN A 180 -17.73 6.93 -13.07
CA GLN A 180 -17.84 8.33 -13.48
C GLN A 180 -16.54 9.07 -13.17
N LEU A 181 -15.81 9.46 -14.20
CA LEU A 181 -14.56 10.17 -14.01
C LEU A 181 -14.83 11.55 -13.45
N PRO A 182 -13.96 12.03 -12.55
CA PRO A 182 -14.13 13.42 -12.07
C PRO A 182 -13.72 14.37 -13.18
N ARG A 183 -14.12 15.63 -13.05
CA ARG A 183 -13.56 16.69 -13.88
C ARG A 183 -12.26 17.14 -13.22
N TYR A 184 -11.12 16.68 -13.76
CA TYR A 184 -9.83 16.90 -13.11
C TYR A 184 -9.46 18.36 -13.00
N GLY A 185 -10.00 19.19 -13.88
CA GLY A 185 -9.71 20.62 -13.89
C GLY A 185 -10.83 21.46 -13.32
N GLY A 186 -11.81 20.79 -12.74
CA GLY A 186 -12.93 21.50 -12.14
C GLY A 186 -14.02 21.79 -13.17
N HIS A 187 -15.14 22.30 -12.69
CA HIS A 187 -16.32 22.46 -13.53
C HIS A 187 -16.14 23.32 -14.79
N LEU A 188 -15.05 24.08 -14.85
CA LEU A 188 -14.87 25.04 -15.94
C LEU A 188 -13.89 24.56 -17.01
N ALA A 189 -13.37 23.35 -16.83
CA ALA A 189 -12.43 22.81 -17.81
C ALA A 189 -12.83 21.38 -18.18
N ASN A 190 -12.48 20.95 -19.39
CA ASN A 190 -12.75 19.57 -19.79
C ASN A 190 -11.49 18.68 -19.64
N ASN A 191 -11.72 17.42 -19.30
CA ASN A 191 -10.63 16.45 -19.19
C ASN A 191 -9.83 16.26 -20.48
N ASN A 192 -8.52 16.08 -20.34
CA ASN A 192 -7.67 15.70 -21.46
C ASN A 192 -6.67 14.61 -21.07
N HIS A 193 -6.02 14.01 -22.07
CA HIS A 193 -5.00 13.01 -21.84
C HIS A 193 -5.48 11.76 -21.10
N LEU A 194 -6.76 11.43 -21.23
CA LEU A 194 -7.32 10.25 -20.58
C LEU A 194 -6.85 8.97 -21.27
N ALA A 195 -6.47 7.97 -20.48
CA ALA A 195 -6.35 6.61 -20.99
C ALA A 195 -7.71 6.27 -21.59
N PRO A 196 -7.70 5.58 -22.73
CA PRO A 196 -8.93 5.28 -23.47
C PRO A 196 -9.89 4.36 -22.72
N ALA A 197 -11.18 4.47 -23.02
CA ALA A 197 -12.12 3.47 -22.53
C ALA A 197 -11.76 2.08 -23.11
N VAL A 198 -12.16 1.03 -22.40
CA VAL A 198 -11.92 -0.34 -22.86
C VAL A 198 -13.24 -1.11 -22.90
N SER A 199 -13.30 -2.08 -23.81
CA SER A 199 -14.44 -2.98 -23.88
C SER A 199 -14.02 -4.26 -24.58
N PRO A 200 -14.77 -5.36 -24.36
CA PRO A 200 -14.49 -6.60 -25.08
C PRO A 200 -15.01 -6.41 -26.49
N LEU A 201 -14.22 -6.74 -27.50
CA LEU A 201 -14.68 -6.54 -28.86
C LEU A 201 -15.14 -7.85 -29.49
N PHE A 202 -14.65 -8.96 -28.95
CA PHE A 202 -14.96 -10.29 -29.44
C PHE A 202 -16.26 -10.82 -28.84
N PRO A 203 -17.12 -11.42 -29.69
CA PRO A 203 -18.43 -11.89 -29.21
C PRO A 203 -18.28 -12.95 -28.12
N GLY A 204 -19.11 -12.83 -27.07
CA GLY A 204 -19.10 -13.79 -25.99
C GLY A 204 -18.06 -13.51 -24.90
N GLU A 205 -17.32 -12.42 -25.05
CA GLU A 205 -16.30 -12.05 -24.07
C GLU A 205 -16.74 -10.90 -23.20
N GLN A 206 -16.19 -10.86 -21.99
CA GLN A 206 -16.39 -9.75 -21.06
C GLN A 206 -15.06 -9.41 -20.42
N ILE A 207 -14.96 -8.21 -19.88
CA ILE A 207 -13.76 -7.85 -19.14
C ILE A 207 -13.71 -8.60 -17.82
N LEU A 208 -12.52 -9.05 -17.46
CA LEU A 208 -12.25 -9.61 -16.14
C LEU A 208 -11.70 -8.52 -15.21
N PHE A 209 -12.38 -8.27 -14.10
CA PHE A 209 -11.97 -7.22 -13.16
C PHE A 209 -11.38 -7.80 -11.91
N PHE A 210 -10.53 -7.02 -11.26
CA PHE A 210 -10.02 -7.39 -9.93
C PHE A 210 -10.71 -6.46 -8.93
N ARG A 211 -11.57 -7.06 -8.11
CA ARG A 211 -12.53 -6.34 -7.31
C ARG A 211 -12.18 -6.31 -5.84
N SER A 212 -12.30 -5.12 -5.26
CA SER A 212 -12.18 -4.94 -3.82
C SER A 212 -13.48 -4.33 -3.27
N PHE A 213 -13.78 -4.62 -2.01
CA PHE A 213 -14.90 -3.99 -1.30
C PHE A 213 -14.27 -3.01 -0.32
N ILE A 214 -14.23 -1.75 -0.73
CA ILE A 214 -13.52 -0.76 0.05
C ILE A 214 -14.36 -0.35 1.27
N PRO A 215 -13.68 0.15 2.31
CA PRO A 215 -14.48 0.46 3.51
C PRO A 215 -15.54 1.52 3.24
N GLY A 216 -16.67 1.41 3.95
CA GLY A 216 -17.70 2.43 3.97
C GLY A 216 -17.67 3.14 5.32
N ALA A 217 -17.74 4.47 5.29
CA ALA A 217 -17.68 5.26 6.50
C ALA A 217 -19.10 5.63 6.99
N SER A 218 -20.08 5.42 6.13
CA SER A 218 -21.46 5.77 6.46
C SER A 218 -22.36 5.33 5.32
N GLY A 219 -23.59 4.96 5.65
CA GLY A 219 -24.57 4.69 4.63
C GLY A 219 -24.47 3.27 4.11
N HIS A 220 -25.27 2.96 3.09
CA HIS A 220 -25.35 1.62 2.55
C HIS A 220 -24.54 1.56 1.28
N THR A 221 -23.50 0.74 1.32
CA THR A 221 -22.66 0.58 0.15
C THR A 221 -21.82 -0.66 0.31
N ASN A 222 -21.70 -1.41 -0.79
CA ASN A 222 -20.80 -2.54 -0.83
C ASN A 222 -19.35 -2.17 -1.19
N GLY A 223 -19.13 -0.90 -1.52
CA GLY A 223 -17.80 -0.38 -1.77
C GLY A 223 -17.06 -1.03 -2.93
N GLU A 224 -17.81 -1.47 -3.95
CA GLU A 224 -17.22 -2.18 -5.08
C GLU A 224 -16.28 -1.28 -5.89
N MET A 225 -15.01 -1.69 -5.98
CA MET A 225 -13.99 -0.98 -6.75
C MET A 225 -13.27 -1.98 -7.67
N ASP A 226 -13.51 -1.83 -8.98
CA ASP A 226 -13.02 -2.78 -9.97
C ASP A 226 -11.81 -2.23 -10.73
N CYS A 227 -10.67 -2.89 -10.63
CA CYS A 227 -9.55 -2.49 -11.47
C CYS A 227 -9.27 -3.46 -12.62
N LEU A 228 -8.61 -2.97 -13.67
CA LEU A 228 -8.32 -3.79 -14.84
C LEU A 228 -7.10 -4.70 -14.64
N LEU A 229 -6.19 -4.31 -13.76
CA LEU A 229 -4.97 -5.06 -13.45
C LEU A 229 -4.62 -4.84 -11.99
N PRO A 230 -4.22 -5.90 -11.28
CA PRO A 230 -3.73 -5.63 -9.92
C PRO A 230 -2.48 -4.77 -10.02
N GLN A 231 -2.19 -4.01 -8.97
CA GLN A 231 -1.06 -3.12 -8.98
C GLN A 231 0.26 -3.87 -9.24
N GLU A 232 0.33 -5.13 -8.77
CA GLU A 232 1.51 -5.96 -8.97
C GLU A 232 1.82 -6.21 -10.44
N PHE A 233 0.80 -6.33 -11.27
CA PHE A 233 1.00 -6.50 -12.71
C PHE A 233 1.49 -5.19 -13.32
N VAL A 234 0.90 -4.07 -12.89
CA VAL A 234 1.36 -2.74 -13.30
C VAL A 234 2.86 -2.60 -12.99
N GLN A 235 3.23 -2.91 -11.75
CA GLN A 235 4.61 -2.81 -11.32
C GLN A 235 5.53 -3.70 -12.14
N HIS A 236 5.08 -4.93 -12.41
CA HIS A 236 5.88 -5.91 -13.12
C HIS A 236 6.11 -5.51 -14.58
N PHE A 237 5.04 -5.09 -15.26
CA PHE A 237 5.12 -4.63 -16.65
C PHE A 237 6.07 -3.43 -16.77
N TYR A 238 5.92 -2.48 -15.85
CA TYR A 238 6.80 -1.34 -15.78
C TYR A 238 8.27 -1.77 -15.62
N GLN A 239 8.52 -2.73 -14.73
CA GLN A 239 9.89 -3.21 -14.46
C GLN A 239 10.47 -3.99 -15.62
N GLU A 240 9.69 -4.90 -16.18
CA GLU A 240 10.19 -5.80 -17.21
C GLU A 240 10.32 -5.10 -18.56
N ALA A 241 9.34 -4.26 -18.87
CA ALA A 241 9.34 -3.55 -20.15
C ALA A 241 9.62 -4.52 -21.29
N ALA A 242 9.01 -5.70 -21.22
CA ALA A 242 9.19 -6.71 -22.25
C ALA A 242 8.37 -6.32 -23.48
N THR A 243 8.78 -6.77 -24.65
CA THR A 243 8.06 -6.39 -25.86
C THR A 243 6.90 -7.34 -26.13
N ALA A 244 5.72 -6.76 -26.36
CA ALA A 244 4.56 -7.56 -26.74
C ALA A 244 4.80 -8.17 -28.11
N ARG A 245 4.83 -9.49 -28.20
CA ARG A 245 5.05 -10.14 -29.49
C ARG A 245 3.76 -10.25 -30.31
N SER A 246 2.64 -9.88 -29.70
CA SER A 246 1.37 -9.79 -30.41
C SER A 246 0.45 -8.87 -29.63
N GLU A 247 -0.75 -8.69 -30.16
CA GLU A 247 -1.73 -7.84 -29.52
C GLU A 247 -2.33 -8.50 -28.26
N VAL A 248 -2.21 -9.83 -28.16
CA VAL A 248 -2.76 -10.55 -27.01
C VAL A 248 -1.84 -11.61 -26.40
N ALA A 249 -1.64 -11.50 -25.08
CA ALA A 249 -1.01 -12.54 -24.29
C ALA A 249 -2.06 -13.48 -23.70
N LEU A 250 -2.06 -14.71 -24.17
CA LEU A 250 -2.94 -15.73 -23.61
C LEU A 250 -2.39 -16.20 -22.27
N LEU A 251 -3.25 -16.16 -21.26
CA LEU A 251 -2.92 -16.62 -19.91
C LEU A 251 -3.81 -17.78 -19.54
N ARG A 252 -3.28 -18.64 -18.69
CA ARG A 252 -4.06 -19.68 -18.06
C ARG A 252 -4.05 -19.42 -16.57
N PHE A 253 -5.23 -19.47 -15.96
CA PHE A 253 -5.32 -19.45 -14.51
C PHE A 253 -5.20 -20.91 -14.06
N VAL A 254 -4.12 -21.24 -13.37
CA VAL A 254 -3.86 -22.65 -13.04
C VAL A 254 -3.96 -22.94 -11.55
N ASN A 255 -4.44 -24.15 -11.22
CA ASN A 255 -4.47 -24.61 -9.85
C ASN A 255 -3.23 -25.42 -9.54
N PRO A 256 -2.29 -24.84 -8.78
CA PRO A 256 -1.05 -25.53 -8.41
C PRO A 256 -1.33 -26.84 -7.65
N ASP A 257 -2.45 -26.90 -6.94
CA ASP A 257 -2.85 -28.07 -6.16
C ASP A 257 -3.07 -29.29 -7.05
N THR A 258 -3.64 -29.08 -8.24
CA THR A 258 -3.93 -30.18 -9.15
C THR A 258 -3.02 -30.17 -10.37
N GLY A 259 -2.20 -29.13 -10.51
CA GLY A 259 -1.40 -28.95 -11.70
C GLY A 259 -2.22 -28.64 -12.95
N ARG A 260 -3.54 -28.47 -12.80
CA ARG A 260 -4.41 -28.29 -13.95
C ARG A 260 -4.92 -26.85 -14.17
N ALA A 261 -5.19 -26.51 -15.43
CA ALA A 261 -5.73 -25.20 -15.77
C ALA A 261 -7.21 -25.10 -15.43
N LEU A 262 -7.61 -23.98 -14.83
CA LEU A 262 -9.00 -23.73 -14.45
C LEU A 262 -9.73 -22.97 -15.55
N PHE A 263 -9.05 -21.99 -16.14
CA PHE A 263 -9.60 -21.25 -17.28
C PHE A 263 -8.52 -20.43 -18.00
N GLU A 264 -8.88 -19.88 -19.15
CA GLU A 264 -7.97 -19.04 -19.93
C GLU A 264 -8.50 -17.62 -20.00
N SER A 265 -7.59 -16.68 -20.20
CA SER A 265 -7.92 -15.26 -20.32
C SER A 265 -7.03 -14.60 -21.37
N LYS A 266 -7.59 -13.66 -22.11
CA LYS A 266 -6.79 -12.83 -23.02
C LYS A 266 -6.31 -11.56 -22.33
N LEU A 267 -4.99 -11.46 -22.13
CA LEU A 267 -4.38 -10.22 -21.66
C LEU A 267 -4.05 -9.35 -22.87
N HIS A 268 -4.85 -8.30 -23.06
CA HIS A 268 -4.64 -7.38 -24.18
C HIS A 268 -3.45 -6.48 -23.94
N LYS A 269 -2.70 -6.25 -25.02
CA LYS A 269 -1.50 -5.43 -25.00
C LYS A 269 -1.67 -4.07 -24.28
N GLN A 270 -2.81 -3.44 -24.49
CA GLN A 270 -3.04 -2.11 -23.90
C GLN A 270 -3.39 -2.17 -22.40
N GLY A 271 -3.47 -3.38 -21.84
CA GLY A 271 -3.52 -3.53 -20.41
C GLY A 271 -4.86 -3.88 -19.77
N PHE A 272 -5.57 -4.86 -20.33
CA PHE A 272 -6.79 -5.36 -19.69
C PHE A 272 -7.03 -6.80 -20.09
N MET A 273 -7.89 -7.49 -19.34
CA MET A 273 -8.11 -8.90 -19.54
C MET A 273 -9.58 -9.17 -19.86
N THR A 274 -9.81 -10.13 -20.74
CA THR A 274 -11.15 -10.62 -21.03
C THR A 274 -11.22 -12.14 -20.83
N ILE A 275 -12.43 -12.63 -20.60
CA ILE A 275 -12.68 -14.06 -20.48
C ILE A 275 -13.96 -14.36 -21.22
N ALA A 276 -14.22 -15.64 -21.45
CA ALA A 276 -15.46 -16.04 -22.10
C ALA A 276 -16.48 -16.26 -21.02
N SER A 277 -17.42 -15.33 -20.90
CA SER A 277 -18.41 -15.41 -19.85
C SER A 277 -19.59 -14.51 -20.15
N SER A 278 -20.70 -14.77 -19.48
CA SER A 278 -21.91 -13.99 -19.71
C SER A 278 -22.60 -13.67 -18.39
N GLY A 279 -22.79 -12.39 -18.12
CA GLY A 279 -23.48 -11.97 -16.90
C GLY A 279 -22.60 -11.26 -15.89
N ASP A 280 -23.23 -10.77 -14.83
CA ASP A 280 -22.52 -10.09 -13.75
C ASP A 280 -22.33 -11.02 -12.54
N HIS A 281 -21.10 -11.46 -12.31
CA HIS A 281 -20.86 -12.37 -11.19
C HIS A 281 -19.38 -12.46 -10.78
N PRO A 282 -19.15 -12.87 -9.53
CA PRO A 282 -17.78 -13.12 -9.10
C PRO A 282 -17.23 -14.37 -9.77
N ILE A 283 -15.92 -14.43 -9.88
CA ILE A 283 -15.25 -15.62 -10.37
C ILE A 283 -14.46 -16.24 -9.24
N ILE A 284 -15.13 -17.15 -8.53
CA ILE A 284 -14.54 -17.76 -7.35
C ILE A 284 -13.83 -19.06 -7.70
N MET A 285 -12.58 -19.12 -7.27
CA MET A 285 -11.65 -20.16 -7.70
C MET A 285 -10.88 -20.67 -6.51
N PRO A 286 -10.24 -21.84 -6.66
CA PRO A 286 -9.34 -22.38 -5.64
C PRO A 286 -8.37 -21.31 -5.17
N THR A 287 -8.20 -21.16 -3.85
CA THR A 287 -7.39 -20.11 -3.23
C THR A 287 -5.96 -19.98 -3.77
N ASN A 288 -5.39 -21.10 -4.17
CA ASN A 288 -4.00 -21.14 -4.60
C ASN A 288 -3.81 -20.86 -6.10
N GLY A 289 -4.89 -20.65 -6.83
CA GLY A 289 -4.80 -20.44 -8.26
C GLY A 289 -4.05 -19.16 -8.62
N TYR A 290 -3.42 -19.15 -9.80
CA TYR A 290 -2.63 -18.00 -10.25
C TYR A 290 -2.53 -17.99 -11.78
N PHE A 291 -2.32 -16.81 -12.36
CA PHE A 291 -2.19 -16.67 -13.81
C PHE A 291 -0.76 -16.95 -14.26
N ARG A 292 -0.63 -17.62 -15.40
CA ARG A 292 0.69 -17.75 -16.01
C ARG A 292 0.60 -17.58 -17.52
N PHE A 293 1.69 -17.09 -18.09
CA PHE A 293 1.71 -16.84 -19.52
C PHE A 293 1.74 -18.15 -20.28
N GLU A 294 0.85 -18.28 -21.25
CA GLU A 294 0.80 -19.45 -22.12
C GLU A 294 1.40 -19.16 -23.51
N ALA A 295 0.85 -18.19 -24.22
CA ALA A 295 1.29 -17.92 -25.60
C ALA A 295 0.84 -16.58 -26.15
N TRP A 296 1.51 -16.15 -27.22
CA TRP A 296 1.10 -14.96 -27.95
C TRP A 296 0.07 -15.36 -28.98
N VAL A 297 -1.08 -14.70 -28.95
CA VAL A 297 -2.17 -14.98 -29.87
C VAL A 297 -2.68 -13.66 -30.41
N ASN A 298 -3.69 -13.71 -31.26
CA ASN A 298 -4.31 -12.47 -31.71
C ASN A 298 -5.62 -12.21 -30.99
N GLN A 299 -6.25 -11.10 -31.37
CA GLN A 299 -7.46 -10.62 -30.73
C GLN A 299 -8.68 -11.45 -31.11
N PHE A 300 -8.54 -12.34 -32.09
CA PHE A 300 -9.65 -13.19 -32.48
C PHE A 300 -9.58 -14.62 -31.90
N TYR A 301 -8.59 -14.87 -31.05
CA TYR A 301 -8.49 -16.17 -30.38
C TYR A 301 -9.78 -16.48 -29.62
N SER A 302 -10.25 -17.71 -29.75
CA SER A 302 -11.52 -18.13 -29.14
C SER A 302 -11.30 -18.86 -27.83
N LEU A 303 -11.82 -18.27 -26.75
CA LEU A 303 -11.66 -18.80 -25.40
C LEU A 303 -12.76 -19.79 -25.04
N ALA A 304 -12.39 -20.82 -24.28
CA ALA A 304 -13.39 -21.67 -23.64
C ALA A 304 -14.00 -20.91 -22.47
N PRO A 305 -15.33 -21.00 -22.31
CA PRO A 305 -16.10 -20.34 -21.23
C PRO A 305 -15.64 -20.63 -19.81
N VAL A 306 -15.99 -19.67 -18.94
CA VAL A 306 -15.93 -19.68 -17.46
C VAL A 306 -14.78 -18.88 -16.86
N ALA B 5 19.17 -16.21 -12.47
CA ALA B 5 20.08 -15.14 -12.10
C ALA B 5 19.45 -14.21 -11.04
N PHE B 6 20.29 -13.51 -10.27
CA PHE B 6 19.77 -12.61 -9.23
C PHE B 6 19.59 -11.16 -9.73
N THR B 7 18.45 -10.56 -9.38
CA THR B 7 18.14 -9.20 -9.80
C THR B 7 17.43 -8.43 -8.68
N ILE B 8 17.46 -7.11 -8.78
CA ILE B 8 16.64 -6.23 -7.93
C ILE B 8 15.89 -5.23 -8.81
N PRO B 9 14.66 -4.85 -8.41
CA PRO B 9 13.88 -3.95 -9.27
C PRO B 9 14.51 -2.56 -9.36
N VAL B 10 14.31 -1.88 -10.49
CA VAL B 10 14.78 -0.50 -10.66
C VAL B 10 13.78 0.43 -10.00
N LEU B 11 14.18 1.06 -8.89
CA LEU B 11 13.28 1.92 -8.13
C LEU B 11 13.95 3.17 -7.55
N LYS B 12 13.38 4.33 -7.84
CA LYS B 12 13.73 5.54 -7.09
C LYS B 12 13.34 5.36 -5.63
N ILE B 13 14.08 6.01 -4.73
CA ILE B 13 13.73 5.98 -3.31
C ILE B 13 12.25 6.37 -3.11
N SER B 14 11.80 7.38 -3.85
CA SER B 14 10.43 7.88 -3.70
C SER B 14 9.39 6.89 -4.25
N GLU B 15 9.85 5.89 -4.99
CA GLU B 15 8.95 4.88 -5.53
C GLU B 15 8.87 3.68 -4.60
N MET B 16 9.73 3.65 -3.59
CA MET B 16 9.75 2.52 -2.65
C MET B 16 8.67 2.65 -1.59
N THR B 17 8.18 1.50 -1.12
CA THR B 17 7.22 1.47 -0.04
C THR B 17 7.90 0.99 1.23
N ASN B 18 7.63 1.66 2.35
CA ASN B 18 8.06 1.16 3.65
C ASN B 18 7.42 -0.20 3.99
N SER B 19 8.24 -1.14 4.45
CA SER B 19 7.78 -2.49 4.74
C SER B 19 7.25 -2.61 6.16
N ARG B 20 7.36 -1.54 6.96
CA ARG B 20 6.91 -1.58 8.36
C ARG B 20 5.68 -0.70 8.61
N PHE B 21 5.33 0.12 7.61
CA PHE B 21 4.13 0.96 7.66
C PHE B 21 3.74 1.23 6.21
N PRO B 22 2.45 1.17 5.90
CA PRO B 22 2.06 1.27 4.48
C PRO B 22 2.05 2.71 3.92
N VAL B 23 3.25 3.30 3.84
CA VAL B 23 3.46 4.61 3.23
C VAL B 23 4.77 4.53 2.44
N PRO B 24 5.00 5.48 1.52
CA PRO B 24 6.24 5.51 0.74
C PRO B 24 7.45 5.76 1.62
N VAL B 25 8.61 5.28 1.17
CA VAL B 25 9.87 5.63 1.79
C VAL B 25 10.16 7.11 1.52
N ASP B 26 10.64 7.82 2.54
CA ASP B 26 11.02 9.22 2.37
C ASP B 26 12.52 9.45 2.05
N GLN B 27 13.39 8.68 2.68
CA GLN B 27 14.82 8.88 2.48
C GLN B 27 15.60 7.66 2.97
N MET B 28 16.82 7.49 2.45
CA MET B 28 17.73 6.53 3.04
C MET B 28 18.34 7.17 4.29
N TYR B 29 18.64 6.34 5.29
CA TYR B 29 19.14 6.84 6.57
C TYR B 29 20.12 5.81 7.14
N THR B 30 21.21 6.29 7.75
CA THR B 30 22.11 5.37 8.43
C THR B 30 22.33 5.79 9.88
N SER B 31 22.58 4.81 10.75
CA SER B 31 22.82 5.06 12.17
C SER B 31 23.77 4.07 12.83
N ARG B 32 24.35 4.47 13.96
CA ARG B 32 25.15 3.57 14.78
C ARG B 32 24.24 2.60 15.52
N SER B 33 23.01 3.04 15.81
CA SER B 33 22.07 2.27 16.61
C SER B 33 22.73 1.89 17.94
N GLU B 34 23.35 2.88 18.57
CA GLU B 34 24.02 2.72 19.85
C GLU B 34 23.03 2.38 20.96
N GLY B 35 23.24 1.24 21.61
CA GLY B 35 22.35 0.80 22.68
C GLY B 35 20.94 0.49 22.19
N ILE B 36 20.84 0.04 20.95
CA ILE B 36 19.55 -0.35 20.39
C ILE B 36 19.67 -1.74 19.79
N VAL B 37 18.71 -2.60 20.10
CA VAL B 37 18.62 -3.89 19.41
C VAL B 37 17.68 -3.70 18.23
N VAL B 38 18.24 -3.81 17.03
CA VAL B 38 17.46 -3.64 15.81
C VAL B 38 16.85 -4.99 15.41
N GLN B 39 15.58 -5.19 15.74
CA GLN B 39 14.95 -6.47 15.46
C GLN B 39 13.54 -6.34 14.89
N PRO B 40 13.36 -5.54 13.81
CA PRO B 40 12.00 -5.43 13.27
C PRO B 40 11.50 -6.80 12.80
N GLN B 41 10.19 -6.98 12.82
CA GLN B 41 9.61 -8.26 12.44
C GLN B 41 8.89 -8.15 11.10
N ASN B 42 8.54 -6.92 10.71
CA ASN B 42 8.01 -6.69 9.37
C ASN B 42 9.12 -6.26 8.41
N GLY B 43 8.93 -6.53 7.13
CA GLY B 43 9.95 -6.28 6.13
C GLY B 43 11.19 -7.13 6.33
N ARG B 44 10.98 -8.39 6.68
CA ARG B 44 12.07 -9.33 6.87
C ARG B 44 11.94 -10.45 5.85
N ALA B 45 12.92 -10.55 4.97
CA ALA B 45 13.00 -11.63 4.02
C ALA B 45 14.47 -11.86 3.66
N THR B 46 14.83 -13.11 3.40
CA THR B 46 16.15 -13.40 2.87
C THR B 46 16.16 -13.11 1.38
N ILE B 47 17.34 -12.92 0.82
CA ILE B 47 17.43 -12.57 -0.59
C ILE B 47 17.03 -13.73 -1.50
N ASP B 48 17.04 -14.94 -0.97
CA ASP B 48 16.56 -16.09 -1.74
C ASP B 48 15.08 -16.41 -1.50
N GLY B 49 14.38 -15.50 -0.83
CA GLY B 49 12.93 -15.49 -0.91
C GLY B 49 12.14 -16.04 0.27
N GLU B 50 12.84 -16.29 1.37
CA GLU B 50 12.19 -16.79 2.58
C GLU B 50 11.69 -15.64 3.46
N LEU B 51 10.38 -15.57 3.72
CA LEU B 51 9.82 -14.54 4.59
C LEU B 51 10.07 -14.86 6.04
N LEU B 52 10.36 -13.83 6.83
CA LEU B 52 10.68 -14.04 8.24
C LEU B 52 9.75 -13.23 9.13
N GLY B 53 9.77 -13.52 10.43
CA GLY B 53 8.98 -12.77 11.41
C GLY B 53 7.49 -12.77 11.10
N THR B 54 6.89 -11.57 11.04
CA THR B 54 5.48 -11.40 10.70
C THR B 54 5.30 -10.84 9.28
N THR B 55 6.31 -11.01 8.44
CA THR B 55 6.36 -10.36 7.13
C THR B 55 5.39 -11.00 6.14
N LEU B 56 4.59 -10.17 5.48
CA LEU B 56 3.73 -10.65 4.40
C LEU B 56 4.12 -9.94 3.09
N VAL B 57 3.56 -10.36 1.97
CA VAL B 57 3.99 -9.74 0.72
C VAL B 57 3.16 -8.52 0.33
N SER B 58 1.88 -8.50 0.70
CA SER B 58 1.01 -7.36 0.38
C SER B 58 1.62 -6.06 0.92
N PRO B 59 1.75 -5.03 0.07
CA PRO B 59 2.36 -3.77 0.50
C PRO B 59 1.36 -2.86 1.21
N VAL B 60 0.08 -3.20 1.19
CA VAL B 60 -0.92 -2.36 1.85
C VAL B 60 -1.49 -2.95 3.14
N SER B 61 -0.90 -4.03 3.63
CA SER B 61 -1.48 -4.74 4.78
C SER B 61 -0.79 -4.56 6.13
N VAL B 62 0.49 -4.22 6.13
CA VAL B 62 1.21 -4.11 7.39
C VAL B 62 0.50 -3.10 8.31
N CYS B 63 0.36 -3.46 9.57
CA CYS B 63 -0.29 -2.63 10.61
C CYS B 63 -1.81 -2.55 10.50
N ASN B 64 -2.41 -3.33 9.60
CA ASN B 64 -3.87 -3.45 9.56
C ASN B 64 -4.30 -4.59 10.49
N PHE B 65 -5.54 -4.53 10.96
CA PHE B 65 -6.15 -5.66 11.68
C PHE B 65 -7.55 -5.91 11.13
N LYS B 66 -8.01 -7.14 11.27
CA LYS B 66 -9.37 -7.56 10.92
C LYS B 66 -9.91 -8.41 12.04
N GLY B 67 -11.21 -8.34 12.27
CA GLY B 67 -11.81 -9.29 13.19
C GLY B 67 -13.24 -8.98 13.56
N ASN B 68 -13.76 -9.75 14.51
CA ASN B 68 -15.12 -9.55 14.96
C ASN B 68 -15.13 -8.57 16.12
N LEU B 69 -16.08 -7.64 16.10
CA LEU B 69 -16.25 -6.78 17.26
C LEU B 69 -17.00 -7.57 18.33
N GLN B 70 -16.27 -8.06 19.32
CA GLN B 70 -16.80 -8.98 20.32
C GLN B 70 -17.74 -8.27 21.28
N ALA B 71 -17.23 -7.22 21.90
CA ALA B 71 -18.02 -6.42 22.83
C ALA B 71 -17.30 -5.13 23.18
N GLU B 72 -18.04 -4.19 23.77
CA GLU B 72 -17.42 -3.05 24.42
C GLU B 72 -16.90 -3.54 25.77
N VAL B 73 -15.69 -3.17 26.17
CA VAL B 73 -15.14 -3.69 27.43
C VAL B 73 -15.89 -3.13 28.65
N PRO B 74 -16.25 -4.03 29.58
CA PRO B 74 -16.95 -3.67 30.82
C PRO B 74 -16.12 -2.71 31.66
N GLY B 75 -16.71 -1.58 32.03
CA GLY B 75 -16.04 -0.63 32.90
C GLY B 75 -15.36 0.52 32.18
N GLN B 76 -14.98 0.29 30.94
CA GLN B 76 -14.27 1.30 30.16
C GLN B 76 -15.01 1.67 28.88
N HIS B 77 -15.44 2.92 28.81
CA HIS B 77 -16.31 3.41 27.74
C HIS B 77 -15.58 3.57 26.41
N GLN B 78 -16.21 3.07 25.36
CA GLN B 78 -15.70 3.23 24.00
C GLN B 78 -14.30 2.62 23.85
N LEU B 79 -14.02 1.62 24.68
CA LEU B 79 -12.93 0.69 24.44
C LEU B 79 -13.60 -0.59 23.94
N TYR B 80 -13.17 -1.09 22.78
CA TYR B 80 -13.82 -2.22 22.14
C TYR B 80 -12.90 -3.42 21.97
N GLN B 81 -13.45 -4.61 22.22
CA GLN B 81 -12.70 -5.85 22.10
C GLN B 81 -12.88 -6.45 20.71
N LEU B 82 -11.75 -6.64 20.01
CA LEU B 82 -11.74 -7.39 18.78
C LEU B 82 -11.37 -8.82 19.07
N GLN B 83 -11.99 -9.74 18.34
CA GLN B 83 -11.47 -11.09 18.23
C GLN B 83 -10.92 -11.17 16.81
N LEU B 84 -9.60 -11.12 16.68
CA LEU B 84 -8.95 -11.08 15.36
C LEU B 84 -9.17 -12.33 14.52
N THR B 85 -9.17 -12.12 13.21
CA THR B 85 -8.82 -13.16 12.26
C THR B 85 -7.47 -12.79 11.66
N ASN B 86 -6.86 -13.67 10.88
CA ASN B 86 -5.71 -13.23 10.09
C ASN B 86 -6.23 -12.25 9.04
N LEU B 87 -5.33 -11.45 8.46
CA LEU B 87 -5.74 -10.48 7.45
C LEU B 87 -6.37 -11.17 6.24
N ASP B 88 -6.09 -12.47 6.07
CA ASP B 88 -6.68 -13.22 4.97
C ASP B 88 -8.03 -13.88 5.30
N GLY B 89 -8.59 -13.54 6.46
CA GLY B 89 -9.88 -14.07 6.86
C GLY B 89 -9.83 -15.37 7.66
N SER B 90 -8.70 -16.07 7.59
CA SER B 90 -8.56 -17.34 8.32
C SER B 90 -8.44 -17.10 9.82
N PRO B 91 -8.86 -18.09 10.64
CA PRO B 91 -8.80 -17.99 12.10
C PRO B 91 -7.36 -17.81 12.60
N ILE B 92 -7.18 -17.08 13.70
CA ILE B 92 -5.88 -16.96 14.32
C ILE B 92 -5.44 -18.32 14.88
N ASP B 93 -4.20 -18.69 14.61
CA ASP B 93 -3.65 -19.98 15.03
C ASP B 93 -2.33 -19.74 15.78
N PRO B 94 -2.40 -19.74 17.12
CA PRO B 94 -1.25 -19.37 17.96
C PRO B 94 -0.13 -20.39 17.83
N THR B 95 -0.37 -21.49 17.12
CA THR B 95 0.69 -22.48 16.90
C THR B 95 1.49 -22.22 15.62
N ASP B 96 1.10 -21.19 14.88
CA ASP B 96 1.86 -20.78 13.69
C ASP B 96 3.30 -20.48 14.09
N ASP B 97 4.24 -20.78 13.19
CA ASP B 97 5.65 -20.49 13.42
C ASP B 97 5.98 -19.01 13.16
N THR B 98 5.16 -18.12 13.72
CA THR B 98 5.35 -16.67 13.63
C THR B 98 5.24 -16.06 15.03
N PRO B 99 5.77 -14.85 15.23
CA PRO B 99 5.63 -14.20 16.55
C PRO B 99 4.18 -13.82 16.83
N GLY B 100 3.46 -13.54 15.75
CA GLY B 100 2.07 -13.10 15.81
C GLY B 100 1.51 -13.15 14.41
N PRO B 101 0.28 -12.66 14.22
CA PRO B 101 -0.37 -12.65 12.91
C PRO B 101 0.43 -11.82 11.90
N LEU B 102 0.47 -12.28 10.66
CA LEU B 102 1.19 -11.55 9.61
C LEU B 102 0.67 -10.13 9.53
N GLY B 103 1.62 -9.18 9.45
CA GLY B 103 1.33 -7.77 9.29
C GLY B 103 1.17 -7.05 10.62
N CYS B 104 1.17 -7.81 11.71
CA CYS B 104 1.01 -7.21 13.03
C CYS B 104 2.12 -6.21 13.27
N PRO B 105 1.78 -5.05 13.84
CA PRO B 105 2.78 -4.02 14.18
C PRO B 105 3.93 -4.62 14.97
N ASP B 106 5.16 -4.16 14.70
CA ASP B 106 6.34 -4.71 15.37
C ASP B 106 7.02 -3.65 16.24
N PHE B 107 6.24 -2.69 16.72
CA PHE B 107 6.74 -1.62 17.57
C PHE B 107 5.71 -1.39 18.66
N THR B 108 6.11 -0.76 19.77
CA THR B 108 5.13 -0.37 20.80
C THR B 108 4.76 1.11 20.67
N GLY B 109 3.49 1.43 20.84
CA GLY B 109 3.04 2.81 20.76
C GLY B 109 1.53 2.88 20.65
N LEU B 110 1.00 4.10 20.60
CA LEU B 110 -0.43 4.27 20.34
C LEU B 110 -0.62 4.40 18.83
N LEU B 111 -0.97 3.29 18.22
CA LEU B 111 -1.21 3.23 16.78
C LEU B 111 -2.58 3.84 16.46
N TYR B 112 -2.56 4.93 15.69
CA TYR B 112 -3.77 5.68 15.36
C TYR B 112 -4.26 5.28 13.96
N GLY B 113 -5.58 5.13 13.82
CA GLY B 113 -6.19 4.84 12.53
C GLY B 113 -7.71 4.93 12.54
N VAL B 114 -8.34 4.17 11.67
CA VAL B 114 -9.81 4.16 11.59
C VAL B 114 -10.32 2.72 11.69
N ALA B 115 -11.29 2.48 12.57
CA ALA B 115 -11.98 1.20 12.58
C ALA B 115 -13.25 1.34 11.75
N SER B 116 -13.45 0.45 10.78
CA SER B 116 -14.64 0.48 9.95
C SER B 116 -15.37 -0.86 10.01
N GLN B 117 -16.65 -0.86 9.65
CA GLN B 117 -17.47 -2.05 9.66
C GLN B 117 -18.36 -2.06 8.44
N ARG B 118 -18.75 -3.25 8.01
CA ARG B 118 -19.77 -3.39 7.01
C ARG B 118 -20.68 -4.49 7.54
N GLY B 119 -21.97 -4.18 7.68
CA GLY B 119 -22.91 -5.10 8.29
C GLY B 119 -23.67 -4.41 9.43
N PRO B 120 -24.95 -4.81 9.61
CA PRO B 120 -25.59 -5.89 8.84
C PRO B 120 -25.89 -5.44 7.42
N GLY B 121 -26.03 -6.40 6.51
CA GLY B 121 -26.22 -6.06 5.10
C GLY B 121 -25.09 -5.20 4.60
N ASP B 122 -25.41 -4.18 3.80
CA ASP B 122 -24.39 -3.25 3.30
C ASP B 122 -24.31 -1.93 4.13
N ALA B 123 -24.86 -1.94 5.33
CA ALA B 123 -24.75 -0.78 6.22
C ALA B 123 -23.30 -0.63 6.66
N THR B 124 -22.78 0.58 6.58
CA THR B 124 -21.38 0.77 6.97
C THR B 124 -21.20 1.89 7.97
N ARG B 125 -20.08 1.86 8.70
CA ARG B 125 -19.71 2.95 9.60
C ARG B 125 -18.21 2.91 9.86
N ALA B 126 -17.61 4.08 10.04
CA ALA B 126 -16.18 4.17 10.30
C ALA B 126 -15.83 5.37 11.18
N HIS B 127 -14.96 5.15 12.16
CA HIS B 127 -14.49 6.22 13.06
C HIS B 127 -13.04 6.06 13.48
N GLU B 128 -12.43 7.18 13.89
CA GLU B 128 -11.07 7.15 14.42
C GLU B 128 -10.93 6.16 15.58
N ALA B 129 -9.79 5.50 15.65
CA ALA B 129 -9.51 4.54 16.70
C ALA B 129 -8.03 4.53 17.04
N ARG B 130 -7.70 4.12 18.25
CA ARG B 130 -6.29 3.97 18.63
C ARG B 130 -6.10 2.62 19.28
N ILE B 131 -5.00 1.95 18.94
CA ILE B 131 -4.62 0.70 19.56
C ILE B 131 -3.28 0.85 20.26
N ASP B 132 -3.22 0.52 21.55
CA ASP B 132 -1.98 0.60 22.29
C ASP B 132 -1.22 -0.72 22.21
N THR B 133 -0.25 -0.80 21.29
CA THR B 133 0.47 -2.06 21.08
C THR B 133 1.41 -2.39 22.24
N GLY B 134 1.52 -1.47 23.20
CA GLY B 134 2.34 -1.67 24.38
C GLY B 134 1.55 -2.07 25.62
N SER B 135 0.22 -2.14 25.52
CA SER B 135 -0.58 -2.46 26.70
C SER B 135 -0.62 -3.96 26.98
N ASP B 136 -0.84 -4.29 28.26
CA ASP B 136 -0.86 -5.67 28.73
C ASP B 136 -1.83 -6.54 27.95
N THR B 137 -2.96 -5.97 27.59
CA THR B 137 -4.03 -6.72 26.95
C THR B 137 -3.82 -6.90 25.45
N PHE B 138 -2.79 -6.25 24.92
CA PHE B 138 -2.45 -6.42 23.50
C PHE B 138 -1.85 -7.80 23.24
N ALA B 139 -2.64 -8.69 22.66
CA ALA B 139 -2.16 -10.06 22.45
C ALA B 139 -2.65 -10.63 21.11
N PRO B 140 -2.17 -10.05 20.00
CA PRO B 140 -2.59 -10.45 18.66
C PRO B 140 -2.30 -11.92 18.37
N LYS B 141 -1.24 -12.47 18.96
CA LYS B 141 -0.89 -13.88 18.75
C LYS B 141 -2.06 -14.82 19.05
N ILE B 142 -2.88 -14.46 20.03
CA ILE B 142 -4.08 -15.22 20.36
C ILE B 142 -5.35 -14.47 19.96
N GLY B 143 -5.20 -13.45 19.12
CA GLY B 143 -6.30 -12.76 18.51
C GLY B 143 -7.05 -11.76 19.39
N GLN B 144 -6.40 -11.30 20.46
CA GLN B 144 -7.06 -10.40 21.41
C GLN B 144 -6.47 -9.00 21.30
N VAL B 145 -7.22 -8.08 20.72
CA VAL B 145 -6.77 -6.71 20.58
C VAL B 145 -7.93 -5.78 20.82
N ARG B 146 -7.68 -4.73 21.59
CA ARG B 146 -8.70 -3.72 21.90
C ARG B 146 -8.36 -2.43 21.17
N PHE B 147 -9.39 -1.69 20.76
CA PHE B 147 -9.19 -0.33 20.27
C PHE B 147 -10.08 0.66 20.99
N TYR B 148 -9.56 1.87 21.20
CA TYR B 148 -10.36 2.97 21.73
C TYR B 148 -10.87 3.90 20.62
N SER B 149 -12.11 4.37 20.74
CA SER B 149 -12.67 5.30 19.75
C SER B 149 -13.46 6.42 20.43
N THR B 150 -13.51 7.57 19.81
CA THR B 150 -14.30 8.68 20.33
C THR B 150 -15.77 8.54 19.94
N SER B 151 -16.10 7.44 19.27
CA SER B 151 -17.48 7.18 18.84
C SER B 151 -18.05 5.94 19.52
N SER B 152 -19.35 5.92 19.74
CA SER B 152 -20.00 4.71 20.24
C SER B 152 -20.76 4.04 19.10
N ASP B 153 -20.63 4.59 17.90
CA ASP B 153 -21.31 4.08 16.70
C ASP B 153 -20.59 2.87 16.09
N PHE B 154 -20.54 1.78 16.87
CA PHE B 154 -20.02 0.50 16.42
C PHE B 154 -21.02 -0.62 16.74
N GLU B 155 -21.22 -1.55 15.80
CA GLU B 155 -22.13 -2.68 16.03
C GLU B 155 -21.39 -3.90 16.52
N THR B 156 -21.94 -4.55 17.54
CA THR B 156 -21.40 -5.78 18.04
C THR B 156 -21.60 -6.89 17.01
N ASN B 157 -20.65 -7.83 16.99
CA ASN B 157 -20.73 -9.00 16.11
C ASN B 157 -20.87 -8.66 14.63
N GLN B 158 -20.11 -7.66 14.20
CA GLN B 158 -20.01 -7.33 12.79
C GLN B 158 -18.53 -7.25 12.41
N PRO B 159 -18.21 -7.60 11.15
CA PRO B 159 -16.82 -7.60 10.68
C PRO B 159 -16.24 -6.19 10.80
N THR B 160 -15.06 -6.10 11.39
CA THR B 160 -14.46 -4.82 11.68
C THR B 160 -13.03 -4.78 11.12
N HIS B 161 -12.68 -3.68 10.47
CA HIS B 161 -11.32 -3.50 9.95
C HIS B 161 -10.64 -2.28 10.57
N PHE B 162 -9.38 -2.45 10.98
CA PHE B 162 -8.60 -1.32 11.45
C PHE B 162 -7.58 -0.91 10.40
N THR B 163 -7.73 0.29 9.85
CA THR B 163 -6.80 0.78 8.85
C THR B 163 -5.87 1.74 9.55
N PRO B 164 -4.55 1.46 9.53
CA PRO B 164 -3.59 2.29 10.27
C PRO B 164 -3.39 3.60 9.54
N ILE B 165 -3.13 4.66 10.29
CA ILE B 165 -2.87 5.95 9.67
C ILE B 165 -1.58 6.57 10.21
N GLY B 166 -1.35 6.45 11.51
CA GLY B 166 -0.16 7.02 12.09
C GLY B 166 -0.04 6.72 13.57
N ILE B 167 0.67 7.59 14.29
CA ILE B 167 0.91 7.37 15.71
C ILE B 167 0.39 8.57 16.50
N TYR B 168 -0.08 8.30 17.70
CA TYR B 168 -0.67 9.30 18.60
C TYR B 168 0.28 9.45 19.78
N ILE B 169 0.80 10.64 20.01
CA ILE B 169 1.74 10.82 21.12
C ILE B 169 1.07 11.48 22.33
N GLU B 170 0.92 10.72 23.40
CA GLU B 170 0.33 11.24 24.65
C GLU B 170 1.36 11.91 25.55
N GLY B 171 2.62 11.51 25.42
CA GLY B 171 3.72 12.17 26.12
C GLY B 171 4.17 11.46 27.36
N ASN B 172 3.93 10.15 27.41
CA ASN B 172 4.29 9.31 28.56
C ASN B 172 4.97 8.02 28.13
N SER B 173 4.88 7.00 28.98
CA SER B 173 5.55 5.71 28.73
C SER B 173 5.02 4.95 27.52
N SER B 174 3.75 5.20 27.17
CA SER B 174 3.14 4.55 26.01
C SER B 174 3.64 5.14 24.69
N ASP B 175 4.64 6.02 24.78
CA ASP B 175 5.16 6.72 23.60
C ASP B 175 5.81 5.78 22.58
N PHE B 176 5.61 6.11 21.31
CA PHE B 176 6.17 5.39 20.18
C PHE B 176 7.66 5.06 20.29
N ASN B 177 7.97 3.77 20.41
CA ASN B 177 9.34 3.30 20.34
C ASN B 177 9.45 2.28 19.23
N GLN B 178 10.05 2.67 18.11
CA GLN B 178 10.04 1.87 16.88
C GLN B 178 10.88 0.59 16.99
N TRP B 179 11.76 0.53 17.98
CA TRP B 179 12.61 -0.63 18.15
C TRP B 179 12.20 -1.54 19.31
N GLN B 180 11.13 -1.18 20.03
CA GLN B 180 10.66 -2.02 21.12
C GLN B 180 9.57 -2.95 20.61
N LEU B 181 9.86 -4.26 20.56
CA LEU B 181 8.86 -5.23 20.10
C LEU B 181 7.72 -5.34 21.10
N PRO B 182 6.49 -5.57 20.60
CA PRO B 182 5.37 -5.75 21.53
C PRO B 182 5.44 -7.17 22.09
N ARG B 183 4.70 -7.45 23.15
CA ARG B 183 4.58 -8.84 23.59
C ARG B 183 3.39 -9.41 22.84
N TYR B 184 3.66 -10.08 21.73
CA TYR B 184 2.62 -10.57 20.83
C TYR B 184 1.59 -11.46 21.53
N GLY B 185 2.03 -12.17 22.58
CA GLY B 185 1.20 -13.09 23.33
C GLY B 185 0.52 -12.47 24.55
N GLY B 186 0.72 -11.18 24.76
CA GLY B 186 0.20 -10.51 25.94
C GLY B 186 1.20 -10.53 27.09
N HIS B 187 0.88 -9.78 28.14
CA HIS B 187 1.78 -9.52 29.26
C HIS B 187 2.49 -10.75 29.84
N LEU B 188 1.78 -11.88 29.89
CA LEU B 188 2.31 -13.08 30.53
C LEU B 188 3.16 -13.95 29.59
N ALA B 189 3.35 -13.50 28.36
CA ALA B 189 3.99 -14.35 27.36
C ALA B 189 5.33 -13.82 26.83
N ASN B 190 6.25 -14.75 26.53
CA ASN B 190 7.51 -14.42 25.86
C ASN B 190 7.38 -14.61 24.36
N ASN B 191 8.04 -13.76 23.58
CA ASN B 191 7.95 -13.84 22.13
C ASN B 191 8.68 -15.05 21.59
N ASN B 192 8.26 -15.52 20.42
CA ASN B 192 8.95 -16.62 19.76
C ASN B 192 8.88 -16.50 18.24
N HIS B 193 9.67 -17.32 17.56
CA HIS B 193 9.78 -17.28 16.10
C HIS B 193 10.22 -15.92 15.57
N LEU B 194 10.87 -15.13 16.42
CA LEU B 194 11.34 -13.80 16.04
C LEU B 194 12.40 -13.84 14.94
N ALA B 195 12.23 -13.01 13.92
CA ALA B 195 13.34 -12.71 13.02
C ALA B 195 14.49 -12.13 13.88
N PRO B 196 15.74 -12.56 13.59
CA PRO B 196 16.89 -12.20 14.43
C PRO B 196 17.21 -10.72 14.41
N ALA B 197 17.82 -10.24 15.49
CA ALA B 197 18.39 -8.90 15.51
C ALA B 197 19.50 -8.82 14.44
N VAL B 198 19.71 -7.61 13.93
CA VAL B 198 20.76 -7.39 12.93
C VAL B 198 21.71 -6.29 13.39
N SER B 199 22.97 -6.44 13.02
CA SER B 199 23.98 -5.41 13.26
C SER B 199 25.09 -5.54 12.23
N PRO B 200 25.84 -4.45 11.99
CA PRO B 200 26.97 -4.52 11.07
C PRO B 200 28.13 -5.19 11.78
N LEU B 201 28.82 -6.10 11.11
CA LEU B 201 29.92 -6.82 11.74
C LEU B 201 31.26 -6.30 11.24
N PHE B 202 31.30 -5.91 9.97
CA PHE B 202 32.53 -5.42 9.37
C PHE B 202 32.84 -4.01 9.85
N PRO B 203 34.10 -3.77 10.27
CA PRO B 203 34.50 -2.43 10.75
C PRO B 203 34.21 -1.33 9.72
N GLY B 204 33.74 -0.19 10.19
CA GLY B 204 33.48 0.95 9.33
C GLY B 204 32.10 0.95 8.71
N GLU B 205 31.36 -0.14 8.90
CA GLU B 205 30.02 -0.23 8.31
C GLU B 205 28.89 0.04 9.29
N GLN B 206 27.78 0.54 8.74
CA GLN B 206 26.53 0.73 9.45
C GLN B 206 25.41 0.18 8.58
N ILE B 207 24.29 -0.16 9.20
CA ILE B 207 23.11 -0.59 8.45
C ILE B 207 22.56 0.63 7.69
N LEU B 208 22.10 0.39 6.47
CA LEU B 208 21.39 1.40 5.69
C LEU B 208 19.90 1.12 5.86
N PHE B 209 19.17 2.11 6.37
CA PHE B 209 17.73 2.00 6.55
C PHE B 209 16.95 2.76 5.49
N PHE B 210 15.72 2.31 5.26
CA PHE B 210 14.80 3.05 4.42
C PHE B 210 13.77 3.68 5.36
N ARG B 211 13.83 5.00 5.46
CA ARG B 211 13.08 5.74 6.47
C ARG B 211 11.86 6.46 5.91
N SER B 212 10.74 6.34 6.64
CA SER B 212 9.56 7.15 6.35
C SER B 212 9.22 7.99 7.58
N PHE B 213 8.64 9.16 7.33
CA PHE B 213 8.07 9.96 8.42
C PHE B 213 6.54 9.72 8.45
N ILE B 214 6.09 8.79 9.30
CA ILE B 214 4.68 8.42 9.30
C ILE B 214 3.86 9.54 9.93
N PRO B 215 2.59 9.63 9.57
CA PRO B 215 1.78 10.74 10.09
C PRO B 215 1.68 10.73 11.61
N GLY B 216 1.60 11.92 12.21
CA GLY B 216 1.31 11.99 13.63
C GLY B 216 -0.11 12.49 13.83
N ALA B 217 -0.81 11.94 14.82
CA ALA B 217 -2.20 12.36 15.07
C ALA B 217 -2.33 13.32 16.24
N SER B 218 -1.32 13.36 17.10
CA SER B 218 -1.32 14.24 18.26
C SER B 218 0.06 14.25 18.89
N GLY B 219 0.42 15.36 19.52
CA GLY B 219 1.71 15.47 20.17
C GLY B 219 2.87 15.74 19.23
N HIS B 220 4.07 15.66 19.80
CA HIS B 220 5.29 15.93 19.05
C HIS B 220 6.00 14.65 18.67
N THR B 221 6.11 14.43 17.37
CA THR B 221 6.87 13.27 16.89
C THR B 221 7.27 13.49 15.45
N ASN B 222 8.49 13.09 15.13
CA ASN B 222 8.92 13.10 13.75
C ASN B 222 8.44 11.83 13.01
N GLY B 223 7.80 10.92 13.74
CA GLY B 223 7.26 9.70 13.15
C GLY B 223 8.26 8.83 12.39
N GLU B 224 9.52 8.82 12.81
CA GLU B 224 10.55 8.06 12.09
C GLU B 224 10.30 6.55 12.15
N MET B 225 10.25 5.91 10.98
CA MET B 225 10.02 4.48 10.88
C MET B 225 11.02 3.91 9.89
N ASP B 226 11.95 3.12 10.41
CA ASP B 226 13.06 2.61 9.60
C ASP B 226 12.88 1.15 9.29
N CYS B 227 12.87 0.83 8.00
CA CYS B 227 12.80 -0.58 7.60
C CYS B 227 14.11 -1.00 6.95
N LEU B 228 14.40 -2.30 6.98
CA LEU B 228 15.67 -2.85 6.48
C LEU B 228 15.65 -3.03 4.96
N LEU B 229 14.45 -3.19 4.41
CA LEU B 229 14.28 -3.45 2.98
C LEU B 229 12.98 -2.81 2.57
N PRO B 230 12.98 -2.10 1.42
CA PRO B 230 11.69 -1.61 0.93
C PRO B 230 10.79 -2.80 0.61
N GLN B 231 9.48 -2.63 0.73
CA GLN B 231 8.56 -3.76 0.53
C GLN B 231 8.74 -4.38 -0.85
N GLU B 232 9.09 -3.55 -1.84
CA GLU B 232 9.29 -4.05 -3.21
C GLU B 232 10.41 -5.11 -3.28
N PHE B 233 11.46 -4.94 -2.47
CA PHE B 233 12.53 -5.93 -2.44
C PHE B 233 12.01 -7.22 -1.80
N VAL B 234 11.27 -7.08 -0.71
CA VAL B 234 10.62 -8.24 -0.10
C VAL B 234 9.78 -9.02 -1.12
N GLN B 235 8.91 -8.31 -1.85
CA GLN B 235 8.08 -8.94 -2.86
C GLN B 235 8.90 -9.61 -3.96
N HIS B 236 9.96 -8.93 -4.40
CA HIS B 236 10.80 -9.44 -5.48
C HIS B 236 11.51 -10.72 -5.08
N PHE B 237 12.13 -10.71 -3.90
CA PHE B 237 12.85 -11.88 -3.41
C PHE B 237 11.92 -13.08 -3.27
N TYR B 238 10.74 -12.81 -2.74
CA TYR B 238 9.75 -13.84 -2.55
C TYR B 238 9.38 -14.48 -3.88
N GLN B 239 9.21 -13.64 -4.87
CA GLN B 239 8.73 -14.00 -6.19
C GLN B 239 9.79 -14.76 -6.98
N GLU B 240 11.03 -14.29 -6.86
CA GLU B 240 12.13 -14.82 -7.65
C GLU B 240 12.73 -16.08 -7.03
N ALA B 241 12.87 -16.05 -5.71
CA ALA B 241 13.48 -17.16 -4.97
C ALA B 241 14.84 -17.53 -5.56
N ALA B 242 15.61 -16.54 -6.01
CA ALA B 242 16.86 -16.80 -6.70
C ALA B 242 17.92 -17.38 -5.76
N THR B 243 18.81 -18.22 -6.28
CA THR B 243 19.85 -18.78 -5.44
C THR B 243 20.87 -17.71 -5.02
N ALA B 244 21.08 -17.60 -3.73
CA ALA B 244 22.13 -16.73 -3.21
C ALA B 244 23.48 -17.39 -3.47
N ARG B 245 24.27 -16.83 -4.39
CA ARG B 245 25.53 -17.47 -4.77
C ARG B 245 26.68 -17.14 -3.80
N SER B 246 26.42 -16.25 -2.85
CA SER B 246 27.37 -15.96 -1.77
C SER B 246 26.60 -15.30 -0.63
N GLU B 247 27.30 -14.86 0.41
CA GLU B 247 26.65 -14.27 1.59
C GLU B 247 26.20 -12.82 1.39
N VAL B 248 26.73 -12.19 0.34
CA VAL B 248 26.48 -10.77 0.15
C VAL B 248 26.36 -10.42 -1.32
N ALA B 249 25.24 -9.80 -1.67
CA ALA B 249 25.03 -9.19 -2.97
C ALA B 249 25.53 -7.75 -2.95
N LEU B 250 26.53 -7.46 -3.79
CA LEU B 250 27.02 -6.10 -3.94
C LEU B 250 26.07 -5.27 -4.82
N LEU B 251 25.62 -4.15 -4.28
CA LEU B 251 24.71 -3.28 -5.01
C LEU B 251 25.39 -1.95 -5.21
N ARG B 252 25.04 -1.30 -6.32
CA ARG B 252 25.61 0.00 -6.62
C ARG B 252 24.48 1.01 -6.85
N PHE B 253 24.57 2.14 -6.17
CA PHE B 253 23.59 3.21 -6.36
C PHE B 253 24.05 4.13 -7.49
N VAL B 254 23.33 4.07 -8.61
CA VAL B 254 23.72 4.76 -9.83
C VAL B 254 22.76 5.91 -10.12
N ASN B 255 23.29 6.96 -10.75
CA ASN B 255 22.52 8.13 -11.18
C ASN B 255 22.32 8.12 -12.69
N PRO B 256 21.11 7.79 -13.15
CA PRO B 256 20.85 7.67 -14.59
C PRO B 256 21.04 9.01 -15.30
N ASP B 257 20.94 10.10 -14.53
CA ASP B 257 21.08 11.45 -15.07
C ASP B 257 22.49 11.74 -15.57
N THR B 258 23.49 11.25 -14.83
CA THR B 258 24.88 11.46 -15.18
C THR B 258 25.53 10.20 -15.74
N GLY B 259 24.91 9.05 -15.51
CA GLY B 259 25.45 7.78 -15.94
C GLY B 259 26.54 7.27 -15.01
N ARG B 260 26.80 7.99 -13.93
CA ARG B 260 27.82 7.55 -12.99
C ARG B 260 27.31 7.26 -11.57
N ALA B 261 28.08 6.50 -10.82
CA ALA B 261 27.63 5.90 -9.57
C ALA B 261 28.10 6.67 -8.34
N LEU B 262 27.40 6.47 -7.23
CA LEU B 262 27.54 7.35 -6.09
C LEU B 262 28.11 6.64 -4.88
N PHE B 263 27.69 5.40 -4.69
CA PHE B 263 28.21 4.59 -3.59
C PHE B 263 27.81 3.13 -3.78
N GLU B 264 28.44 2.25 -3.03
CA GLU B 264 28.07 0.85 -3.06
C GLU B 264 27.56 0.42 -1.70
N SER B 265 26.76 -0.63 -1.70
CA SER B 265 26.19 -1.17 -0.47
C SER B 265 26.18 -2.70 -0.57
N LYS B 266 26.28 -3.33 0.59
CA LYS B 266 26.33 -4.77 0.69
C LYS B 266 24.98 -5.31 1.14
N LEU B 267 24.32 -6.04 0.25
CA LEU B 267 23.04 -6.64 0.60
C LEU B 267 23.30 -8.03 1.13
N HIS B 268 23.16 -8.19 2.44
CA HIS B 268 23.38 -9.49 3.08
C HIS B 268 22.26 -10.45 2.82
N LYS B 269 22.63 -11.72 2.64
CA LYS B 269 21.71 -12.79 2.37
C LYS B 269 20.50 -12.82 3.32
N GLN B 270 20.70 -12.51 4.60
CA GLN B 270 19.62 -12.55 5.58
C GLN B 270 18.62 -11.39 5.45
N GLY B 271 18.89 -10.45 4.55
CA GLY B 271 17.92 -9.41 4.26
C GLY B 271 18.12 -8.07 4.90
N PHE B 272 19.34 -7.55 4.84
CA PHE B 272 19.59 -6.17 5.25
C PHE B 272 20.82 -5.61 4.53
N MET B 273 20.93 -4.28 4.45
CA MET B 273 22.00 -3.66 3.70
C MET B 273 22.92 -2.90 4.63
N THR B 274 24.22 -2.91 4.31
CA THR B 274 25.16 -2.07 5.02
C THR B 274 25.92 -1.16 4.09
N ILE B 275 26.42 -0.07 4.63
CA ILE B 275 27.27 0.82 3.86
C ILE B 275 28.45 1.20 4.74
N ALA B 276 29.51 1.72 4.12
CA ALA B 276 30.61 2.27 4.90
C ALA B 276 30.24 3.70 5.29
N SER B 277 29.80 3.89 6.53
CA SER B 277 29.47 5.22 7.01
C SER B 277 29.66 5.31 8.52
N SER B 278 29.83 6.53 9.00
CA SER B 278 29.96 6.77 10.42
C SER B 278 29.07 7.92 10.90
N GLY B 279 28.21 7.65 11.87
CA GLY B 279 27.34 8.68 12.39
C GLY B 279 25.88 8.49 11.99
N ASP B 280 25.00 9.22 12.66
CA ASP B 280 23.58 9.16 12.39
C ASP B 280 23.18 10.30 11.46
N HIS B 281 22.80 9.95 10.23
CA HIS B 281 22.43 10.95 9.25
C HIS B 281 21.73 10.39 8.00
N PRO B 282 20.89 11.23 7.37
CA PRO B 282 20.21 10.94 6.10
C PRO B 282 21.23 10.71 5.01
N ILE B 283 20.92 9.85 4.05
CA ILE B 283 21.78 9.70 2.88
C ILE B 283 21.03 10.28 1.70
N ILE B 284 21.27 11.57 1.43
CA ILE B 284 20.56 12.28 0.38
C ILE B 284 21.26 12.08 -0.95
N MET B 285 20.49 11.77 -1.98
CA MET B 285 21.06 11.45 -3.29
C MET B 285 20.22 12.08 -4.37
N PRO B 286 20.78 12.22 -5.58
CA PRO B 286 19.98 12.61 -6.73
C PRO B 286 18.72 11.75 -6.78
N THR B 287 17.58 12.40 -6.99
CA THR B 287 16.27 11.78 -6.84
C THR B 287 15.98 10.64 -7.82
N ASN B 288 16.63 10.65 -8.98
CA ASN B 288 16.46 9.57 -9.95
C ASN B 288 17.39 8.36 -9.72
N GLY B 289 18.21 8.43 -8.67
CA GLY B 289 19.16 7.36 -8.38
C GLY B 289 18.48 6.05 -8.00
N TYR B 290 19.14 4.92 -8.27
CA TYR B 290 18.61 3.63 -7.88
C TYR B 290 19.72 2.60 -7.73
N PHE B 291 19.45 1.56 -6.94
CA PHE B 291 20.40 0.45 -6.80
C PHE B 291 20.35 -0.53 -7.96
N ARG B 292 21.53 -1.05 -8.30
CA ARG B 292 21.70 -2.05 -9.33
C ARG B 292 22.56 -3.18 -8.74
N PHE B 293 22.22 -4.43 -9.03
CA PHE B 293 23.04 -5.58 -8.59
C PHE B 293 24.33 -5.65 -9.41
N GLU B 294 25.47 -5.72 -8.75
CA GLU B 294 26.74 -5.76 -9.49
C GLU B 294 27.44 -7.14 -9.44
N ALA B 295 27.54 -7.71 -8.25
CA ALA B 295 28.32 -8.94 -8.09
C ALA B 295 28.07 -9.67 -6.78
N TRP B 296 28.54 -10.91 -6.73
CA TRP B 296 28.47 -11.70 -5.51
C TRP B 296 29.79 -11.57 -4.79
N VAL B 297 29.77 -10.98 -3.62
CA VAL B 297 30.96 -10.78 -2.83
C VAL B 297 30.77 -11.46 -1.47
N ASN B 298 31.73 -11.32 -0.57
CA ASN B 298 31.55 -11.90 0.75
C ASN B 298 31.49 -10.81 1.81
N GLN B 299 31.30 -11.22 3.06
CA GLN B 299 31.06 -10.27 4.14
C GLN B 299 32.27 -9.38 4.46
N PHE B 300 33.40 -9.67 3.83
CA PHE B 300 34.62 -8.88 4.06
C PHE B 300 34.93 -7.90 2.93
N TYR B 301 34.08 -7.89 1.91
CA TYR B 301 34.24 -6.94 0.83
C TYR B 301 34.28 -5.52 1.39
N SER B 302 35.26 -4.74 0.93
CA SER B 302 35.50 -3.43 1.52
C SER B 302 34.99 -2.26 0.66
N LEU B 303 34.08 -1.47 1.24
CA LEU B 303 33.40 -0.40 0.52
C LEU B 303 34.01 0.97 0.80
N ALA B 304 34.03 1.84 -0.20
CA ALA B 304 34.39 3.24 0.02
C ALA B 304 33.25 3.97 0.77
N PRO B 305 33.61 4.90 1.68
CA PRO B 305 32.58 5.54 2.50
C PRO B 305 31.62 6.43 1.72
N VAL B 306 30.50 6.78 2.36
CA VAL B 306 29.53 7.79 1.91
C VAL B 306 28.18 7.15 1.51
C1 NDG C . -4.36 16.53 23.68
C2 NDG C . -4.27 17.20 22.31
C3 NDG C . -2.88 17.75 22.04
C4 NDG C . -2.37 18.56 23.23
C5 NDG C . -2.56 17.83 24.55
C6 NDG C . -2.15 18.67 25.77
C7 NDG C . -5.65 16.52 20.43
C8 NDG C . -5.79 15.79 19.33
O5 NDG C . -3.92 17.42 24.72
O3 NDG C . -2.90 18.64 20.91
O4 NDG C . -0.98 18.83 22.99
O6 NDG C . -2.95 19.87 25.83
O7 NDG C . -6.42 17.45 20.64
N2 NDG C . -4.68 16.23 21.29
O1 NDG C . -3.75 15.52 23.66
C1 GAL C . -0.60 20.14 23.38
C2 GAL C . 0.92 20.24 23.39
C3 GAL C . 1.43 21.69 23.50
C4 GAL C . 0.69 22.57 22.50
C5 GAL C . -0.82 22.39 22.61
C6 GAL C . -1.65 23.27 21.69
O2 GAL C . 1.44 19.46 24.46
O3 GAL C . 2.83 21.69 23.24
O4 GAL C . 1.14 22.23 21.19
O5 GAL C . -1.16 21.02 22.41
O6 GAL C . -0.86 23.69 20.57
C1 SIA C . 3.14 23.95 24.17
C2 SIA C . 3.58 22.51 24.15
C3 SIA C . 5.05 22.45 23.72
C4 SIA C . 6.04 22.78 24.83
C5 SIA C . 5.66 22.04 26.11
C6 SIA C . 4.25 22.49 26.46
C7 SIA C . 3.75 22.00 27.81
C8 SIA C . 2.24 22.20 27.82
C9 SIA C . 1.60 21.90 29.17
C10 SIA C . 7.64 21.49 27.38
C11 SIA C . 8.51 21.82 28.32
N5 SIA C . 6.59 22.28 27.20
O1A SIA C . 3.78 24.80 23.49
O1B SIA C . 2.16 24.26 24.90
O4 SIA C . 7.37 22.39 24.41
O6 SIA C . 3.37 21.98 25.46
O7 SIA C . 4.06 20.61 27.97
O8 SIA C . 1.93 23.54 27.41
O9 SIA C . 0.20 21.71 28.99
O10 SIA C . 7.81 20.48 26.73
C1 FUC C . -2.34 18.06 19.73
C2 FUC C . -2.92 18.78 18.51
C3 FUC C . -2.35 20.18 18.40
C4 FUC C . -0.81 20.20 18.44
C5 FUC C . -0.30 19.39 19.64
C6 FUC C . 1.22 19.21 19.58
O2 FUC C . -4.34 18.83 18.62
O3 FUC C . -2.84 20.84 17.21
O4 FUC C . -0.21 19.74 17.22
O5 FUC C . -0.91 18.10 19.73
C1 NDG D . -25.83 10.04 8.84
C2 NDG D . -25.33 8.76 9.50
C3 NDG D . -25.90 7.50 8.83
C4 NDG D . -27.41 7.65 8.63
C5 NDG D . -27.74 8.94 7.88
C6 NDG D . -29.24 9.15 7.73
C7 NDG D . -23.13 8.88 10.57
C8 NDG D . -21.81 8.69 10.44
O5 NDG D . -27.25 10.03 8.64
O3 NDG D . -25.67 6.35 9.67
O4 NDG D . -27.87 6.51 7.89
O6 NDG D . -29.81 9.04 9.04
O7 NDG D . -23.61 9.13 11.67
N2 NDG D . -23.87 8.80 9.47
O1 NDG D . -25.53 10.00 7.53
C1 GAL D . -29.07 5.96 8.41
C2 GAL D . -29.58 4.93 7.41
C3 GAL D . -30.71 4.05 7.95
C4 GAL D . -30.43 3.62 9.38
C5 GAL D . -29.90 4.77 10.23
C6 GAL D . -29.62 4.36 11.69
O2 GAL D . -30.01 5.62 6.23
O3 GAL D . -30.77 2.88 7.11
O4 GAL D . -29.46 2.56 9.34
O5 GAL D . -28.73 5.31 9.62
O6 GAL D . -28.98 3.09 11.71
C1 SIA D . -33.04 2.12 7.56
C2 SIA D . -32.05 2.62 6.54
C3 SIA D . -31.90 1.51 5.50
C4 SIA D . -33.10 1.43 4.56
C5 SIA D . -33.35 2.80 3.93
C6 SIA D . -33.57 3.82 5.04
C7 SIA D . -33.82 5.21 4.47
C8 SIA D . -34.48 6.14 5.51
C9 SIA D . -35.07 7.39 4.84
C10 SIA D . -34.54 2.21 1.91
C11 SIA D . -35.70 1.81 1.39
N5 SIA D . -34.53 2.76 3.12
O1A SIA D . -33.15 0.87 7.75
O1B SIA D . -33.76 2.96 8.16
O4 SIA D . -32.85 0.43 3.56
O6 SIA D . -32.49 3.85 5.97
O7 SIA D . -32.56 5.77 4.05
O8 SIA D . -35.47 5.44 6.28
O9 SIA D . -36.31 7.09 4.18
O10 SIA D . -33.51 2.06 1.28
C1 FUC D . -24.53 5.60 9.24
C2 FUC D . -23.90 4.91 10.45
C3 FUC D . -24.85 3.84 11.01
C4 FUC D . -25.30 2.89 9.90
C5 FUC D . -25.89 3.70 8.74
C6 FUC D . -26.33 2.81 7.58
O2 FUC D . -23.55 5.89 11.43
O3 FUC D . -24.23 3.12 12.08
O4 FUC D . -24.19 2.09 9.44
O5 FUC D . -24.94 4.64 8.27
#